data_1EEY
#
_entry.id   1EEY
#
_cell.length_a   49.950
_cell.length_b   62.930
_cell.length_c   74.650
_cell.angle_alpha   82.07
_cell.angle_beta   76.50
_cell.angle_gamma   78.04
#
_symmetry.space_group_name_H-M   'P 1'
#
loop_
_entity.id
_entity.type
_entity.pdbx_description
1 polymer 'HLA-A2.1 MHC CLASS I (HEAVY CHAIN)'
2 polymer 'BETA-2-MICROGLOBULIN (LIGHT CHAIN)'
3 polymer 'GP2 PEPTIDE'
4 water water
#
loop_
_entity_poly.entity_id
_entity_poly.type
_entity_poly.pdbx_seq_one_letter_code
_entity_poly.pdbx_strand_id
1 'polypeptide(L)'
;GSHSMRYFFTSVSRPGRGEPRFIAVGYVDDTQFVRFDSDAASQRMEPRAPWIEQEGPEYWDGETRKVKAHSQTHRVDLGT
LRGYYNQSEAGSHTVQRMYGCDVGSDWRFLRGYHQYAYDGKDYIALKEDLRSWTAADMAAQTTKHKWEAAHVAEQLRAYL
EGTCVEWLRRYLENGKETLQRTDAPKTHMTHHAVSDHEATLRCWALSFYPAEITLTWQRDGEDQTQDTELVETRPAGDGT
FQKWAAVVVPSGQEQRYTCHVQHEGLPKPLTLRWE
;
A,D
2 'polypeptide(L)'
;MIQRTPKIQVYSRHPAENGKSNFLNCYVSGFHPSDIEVDLLKNGERIEKVEHSDLSFSKDWSFYLLYYTEFTPTEKDEYA
CRVNHVTLSQPKIVKWDRDM
;
B,E
3 'polypeptide(L)' ILSALVGIV C,F
#
# COMPACT_ATOMS: atom_id res chain seq x y z
N GLY A 1 -24.19 24.91 -39.49
CA GLY A 1 -23.73 25.39 -38.16
C GLY A 1 -22.29 24.98 -37.88
N SER A 2 -21.85 25.20 -36.63
CA SER A 2 -20.49 24.84 -36.22
C SER A 2 -20.33 23.34 -36.04
N HIS A 3 -19.09 22.87 -36.13
CA HIS A 3 -18.79 21.46 -36.02
C HIS A 3 -17.45 21.26 -35.33
N SER A 4 -17.22 20.04 -34.84
CA SER A 4 -15.97 19.73 -34.18
C SER A 4 -15.63 18.26 -34.32
N MET A 5 -14.35 17.94 -34.14
CA MET A 5 -13.87 16.57 -34.15
C MET A 5 -12.92 16.44 -32.97
N ARG A 6 -13.11 15.44 -32.13
CA ARG A 6 -12.21 15.27 -31.01
C ARG A 6 -11.97 13.85 -30.57
N TYR A 7 -10.75 13.61 -30.11
CA TYR A 7 -10.35 12.30 -29.65
C TYR A 7 -10.16 12.33 -28.14
N PHE A 8 -10.72 11.34 -27.47
CA PHE A 8 -10.65 11.21 -26.02
C PHE A 8 -9.85 9.96 -25.66
N PHE A 9 -8.86 10.13 -24.80
CA PHE A 9 -8.00 9.02 -24.39
C PHE A 9 -7.95 8.88 -22.88
N THR A 10 -8.22 7.66 -22.41
CA THR A 10 -8.19 7.37 -20.97
C THR A 10 -7.24 6.23 -20.71
N SER A 11 -6.30 6.46 -19.80
CA SER A 11 -5.32 5.45 -19.43
C SER A 11 -5.42 5.24 -17.94
N VAL A 12 -5.53 3.98 -17.50
CA VAL A 12 -5.65 3.68 -16.08
C VAL A 12 -4.69 2.57 -15.68
N SER A 13 -3.77 2.86 -14.75
CA SER A 13 -2.82 1.87 -14.30
C SER A 13 -3.49 0.79 -13.48
N ARG A 14 -2.97 -0.44 -13.57
CA ARG A 14 -3.50 -1.57 -12.85
C ARG A 14 -2.36 -2.31 -12.15
N PRO A 15 -1.86 -1.74 -11.05
CA PRO A 15 -0.76 -2.27 -10.23
C PRO A 15 -0.92 -3.75 -9.89
N GLY A 16 0.06 -4.55 -10.29
CA GLY A 16 0.03 -5.97 -10.01
C GLY A 16 -1.04 -6.72 -10.78
N ARG A 17 -1.78 -6.03 -11.63
CA ARG A 17 -2.84 -6.65 -12.41
C ARG A 17 -2.54 -6.61 -13.89
N GLY A 18 -1.26 -6.50 -14.22
CA GLY A 18 -0.85 -6.46 -15.62
C GLY A 18 -0.77 -5.10 -16.27
N GLU A 19 -1.01 -5.08 -17.57
CA GLU A 19 -0.96 -3.88 -18.39
C GLU A 19 -2.00 -2.84 -18.02
N PRO A 20 -1.69 -1.55 -18.27
CA PRO A 20 -2.61 -0.45 -17.98
C PRO A 20 -3.77 -0.48 -18.96
N ARG A 21 -4.96 -0.12 -18.50
CA ARG A 21 -6.14 -0.10 -19.37
C ARG A 21 -6.05 1.16 -20.23
N PHE A 22 -6.32 1.01 -21.52
CA PHE A 22 -6.28 2.14 -22.43
C PHE A 22 -7.51 2.18 -23.34
N ILE A 23 -8.19 3.30 -23.37
CA ILE A 23 -9.37 3.44 -24.21
C ILE A 23 -9.38 4.75 -24.97
N ALA A 24 -9.62 4.65 -26.27
CA ALA A 24 -9.67 5.83 -27.12
C ALA A 24 -10.97 5.83 -27.90
N VAL A 25 -11.54 7.01 -28.08
CA VAL A 25 -12.77 7.17 -28.84
C VAL A 25 -12.68 8.46 -29.61
N GLY A 26 -13.31 8.48 -30.78
CA GLY A 26 -13.31 9.66 -31.61
C GLY A 26 -14.74 10.11 -31.85
N TYR A 27 -14.95 11.41 -31.92
CA TYR A 27 -16.28 11.95 -32.14
C TYR A 27 -16.26 13.05 -33.18
N VAL A 28 -17.36 13.18 -33.90
CA VAL A 28 -17.54 14.29 -34.82
C VAL A 28 -18.80 14.85 -34.18
N ASP A 29 -18.68 16.05 -33.63
CA ASP A 29 -19.80 16.68 -32.94
C ASP A 29 -20.20 15.70 -31.83
N ASP A 30 -21.46 15.26 -31.81
CA ASP A 30 -21.93 14.34 -30.76
C ASP A 30 -22.08 12.89 -31.24
N THR A 31 -21.46 12.57 -32.36
CA THR A 31 -21.54 11.20 -32.88
C THR A 31 -20.16 10.54 -32.80
N GLN A 32 -20.09 9.42 -32.08
CA GLN A 32 -18.83 8.67 -31.95
C GLN A 32 -18.64 7.90 -33.25
N PHE A 33 -17.40 7.81 -33.75
CA PHE A 33 -17.17 7.07 -35.00
C PHE A 33 -16.10 5.99 -34.95
N VAL A 34 -15.20 6.03 -33.96
CA VAL A 34 -14.18 5.00 -33.80
C VAL A 34 -13.88 4.73 -32.33
N ARG A 35 -13.22 3.62 -32.06
CA ARG A 35 -12.86 3.27 -30.70
C ARG A 35 -11.69 2.30 -30.71
N PHE A 36 -11.01 2.21 -29.58
CA PHE A 36 -9.92 1.28 -29.40
C PHE A 36 -9.95 0.91 -27.93
N ASP A 37 -9.95 -0.39 -27.65
CA ASP A 37 -9.95 -0.86 -26.27
C ASP A 37 -8.81 -1.82 -26.08
N SER A 38 -7.83 -1.42 -25.28
CA SER A 38 -6.66 -2.25 -25.01
C SER A 38 -7.03 -3.65 -24.51
N ASP A 39 -8.18 -3.78 -23.87
CA ASP A 39 -8.60 -5.08 -23.36
C ASP A 39 -9.44 -5.89 -24.36
N ALA A 40 -9.74 -5.30 -25.51
CA ALA A 40 -10.54 -5.98 -26.51
C ALA A 40 -9.69 -7.01 -27.28
N ALA A 41 -10.37 -7.97 -27.90
CA ALA A 41 -9.69 -9.03 -28.63
C ALA A 41 -9.02 -8.65 -29.95
N SER A 42 -9.65 -7.75 -30.71
CA SER A 42 -9.12 -7.34 -32.02
C SER A 42 -7.80 -6.59 -31.99
N GLN A 43 -7.62 -5.74 -30.99
CA GLN A 43 -6.41 -4.94 -30.89
C GLN A 43 -6.33 -4.02 -32.09
N ARG A 44 -7.49 -3.53 -32.54
CA ARG A 44 -7.54 -2.64 -33.68
C ARG A 44 -8.49 -1.47 -33.48
N MET A 45 -8.28 -0.41 -34.25
CA MET A 45 -9.17 0.73 -34.17
C MET A 45 -10.44 0.17 -34.80
N GLU A 46 -11.61 0.48 -34.24
CA GLU A 46 -12.87 -0.04 -34.77
C GLU A 46 -13.89 1.03 -35.09
N PRO A 47 -14.73 0.79 -36.10
CA PRO A 47 -15.77 1.73 -36.53
C PRO A 47 -16.96 1.69 -35.57
N ARG A 48 -17.52 2.86 -35.27
CA ARG A 48 -18.68 2.94 -34.38
C ARG A 48 -19.81 3.74 -35.04
N ALA A 49 -19.60 4.12 -36.29
CA ALA A 49 -20.61 4.85 -37.06
C ALA A 49 -20.65 4.24 -38.46
N PRO A 50 -21.84 4.09 -39.04
CA PRO A 50 -21.96 3.50 -40.38
C PRO A 50 -21.15 4.23 -41.45
N TRP A 51 -21.16 5.55 -41.41
CA TRP A 51 -20.45 6.34 -42.40
C TRP A 51 -18.93 6.24 -42.39
N ILE A 52 -18.35 5.61 -41.38
CA ILE A 52 -16.90 5.49 -41.34
C ILE A 52 -16.48 4.09 -41.81
N GLU A 53 -17.45 3.19 -41.89
CA GLU A 53 -17.19 1.83 -42.31
C GLU A 53 -16.72 1.72 -43.76
N GLN A 54 -17.01 2.73 -44.57
CA GLN A 54 -16.61 2.74 -45.98
C GLN A 54 -15.11 2.98 -46.18
N GLU A 55 -14.43 3.50 -45.16
CA GLU A 55 -12.99 3.73 -45.27
C GLU A 55 -12.36 2.35 -45.53
N GLY A 56 -11.35 2.30 -46.39
CA GLY A 56 -10.72 1.03 -46.70
C GLY A 56 -9.75 0.55 -45.65
N PRO A 57 -9.09 -0.60 -45.87
CA PRO A 57 -8.13 -1.17 -44.94
C PRO A 57 -6.93 -0.27 -44.65
N GLU A 58 -6.61 0.59 -45.61
CA GLU A 58 -5.50 1.51 -45.42
C GLU A 58 -5.80 2.42 -44.22
N TYR A 59 -7.05 2.85 -44.11
CA TYR A 59 -7.48 3.71 -43.00
C TYR A 59 -7.42 2.98 -41.66
N TRP A 60 -7.99 1.79 -41.62
CA TRP A 60 -8.01 1.02 -40.38
C TRP A 60 -6.63 0.53 -39.95
N ASP A 61 -5.80 0.14 -40.91
CA ASP A 61 -4.46 -0.32 -40.58
C ASP A 61 -3.67 0.86 -40.02
N GLY A 62 -3.79 2.00 -40.70
CA GLY A 62 -3.10 3.20 -40.26
C GLY A 62 -3.52 3.69 -38.88
N GLU A 63 -4.83 3.86 -38.68
CA GLU A 63 -5.33 4.35 -37.39
C GLU A 63 -5.08 3.36 -36.25
N THR A 64 -5.03 2.07 -36.58
CA THR A 64 -4.77 1.06 -35.57
C THR A 64 -3.33 1.25 -35.09
N ARG A 65 -2.43 1.44 -36.06
CA ARG A 65 -1.01 1.65 -35.76
C ARG A 65 -0.79 2.93 -34.93
N LYS A 66 -1.40 4.04 -35.32
CA LYS A 66 -1.23 5.27 -34.58
C LYS A 66 -1.86 5.25 -33.19
N VAL A 67 -3.01 4.59 -33.06
CA VAL A 67 -3.68 4.52 -31.76
C VAL A 67 -2.86 3.66 -30.79
N LYS A 68 -2.16 2.66 -31.33
CA LYS A 68 -1.31 1.80 -30.49
C LYS A 68 -0.12 2.64 -30.03
N ALA A 69 0.34 3.57 -30.87
CA ALA A 69 1.46 4.44 -30.51
C ALA A 69 1.02 5.32 -29.35
N HIS A 70 -0.24 5.76 -29.39
CA HIS A 70 -0.79 6.59 -28.33
C HIS A 70 -0.81 5.77 -27.04
N SER A 71 -1.27 4.53 -27.17
CA SER A 71 -1.34 3.63 -26.03
C SER A 71 0.00 3.52 -25.35
N GLN A 72 1.06 3.32 -26.14
CA GLN A 72 2.38 3.18 -25.56
C GLN A 72 2.85 4.46 -24.88
N THR A 73 2.53 5.61 -25.46
CA THR A 73 2.92 6.88 -24.89
C THR A 73 2.32 7.04 -23.50
N HIS A 74 1.02 6.73 -23.37
CA HIS A 74 0.36 6.85 -22.08
C HIS A 74 0.79 5.81 -21.08
N ARG A 75 1.41 4.75 -21.56
CA ARG A 75 1.88 3.70 -20.67
C ARG A 75 3.18 4.20 -20.07
N VAL A 76 3.93 4.98 -20.84
CA VAL A 76 5.18 5.54 -20.36
C VAL A 76 4.82 6.72 -19.44
N ASP A 77 3.79 7.47 -19.82
CA ASP A 77 3.35 8.62 -19.04
C ASP A 77 2.97 8.25 -17.62
N LEU A 78 2.25 7.14 -17.46
CA LEU A 78 1.82 6.70 -16.14
C LEU A 78 2.99 6.58 -15.18
N GLY A 79 4.08 5.96 -15.66
CA GLY A 79 5.26 5.79 -14.83
C GLY A 79 5.97 7.10 -14.55
N THR A 80 6.05 7.95 -15.57
CA THR A 80 6.72 9.24 -15.41
C THR A 80 6.01 10.07 -14.32
N LEU A 81 4.71 10.26 -14.49
CA LEU A 81 3.91 11.02 -13.54
C LEU A 81 4.02 10.44 -12.13
N ARG A 82 4.05 9.11 -12.04
CA ARG A 82 4.17 8.44 -10.75
C ARG A 82 5.47 8.95 -10.12
N GLY A 83 6.49 9.09 -10.94
CA GLY A 83 7.77 9.58 -10.47
C GLY A 83 7.76 11.07 -10.13
N TYR A 84 7.14 11.89 -10.98
CA TYR A 84 7.07 13.33 -10.75
C TYR A 84 6.46 13.68 -9.39
N TYR A 85 5.41 12.95 -9.00
CA TYR A 85 4.75 13.22 -7.73
C TYR A 85 5.13 12.25 -6.63
N ASN A 86 6.22 11.51 -6.83
CA ASN A 86 6.68 10.53 -5.84
C ASN A 86 5.53 9.76 -5.25
N GLN A 87 4.87 8.93 -6.06
CA GLN A 87 3.74 8.14 -5.59
C GLN A 87 4.04 6.65 -5.50
N SER A 88 3.29 5.95 -4.66
CA SER A 88 3.46 4.51 -4.50
C SER A 88 3.19 3.78 -5.81
N GLU A 89 3.98 2.74 -6.08
CA GLU A 89 3.77 1.98 -7.31
C GLU A 89 2.63 0.99 -7.13
N ALA A 90 1.90 1.12 -6.04
CA ALA A 90 0.80 0.19 -5.78
C ALA A 90 -0.56 0.77 -6.12
N GLY A 91 -0.69 2.08 -6.06
CA GLY A 91 -1.97 2.71 -6.35
C GLY A 91 -2.31 2.86 -7.81
N SER A 92 -3.60 2.93 -8.10
CA SER A 92 -4.07 3.09 -9.46
C SER A 92 -4.21 4.58 -9.77
N HIS A 93 -3.79 4.98 -10.96
CA HIS A 93 -3.86 6.37 -11.37
C HIS A 93 -4.46 6.53 -12.76
N THR A 94 -4.93 7.74 -13.05
CA THR A 94 -5.56 8.00 -14.32
C THR A 94 -4.97 9.19 -15.09
N VAL A 95 -4.78 9.01 -16.38
CA VAL A 95 -4.33 10.09 -17.24
C VAL A 95 -5.37 10.15 -18.35
N GLN A 96 -5.76 11.37 -18.73
CA GLN A 96 -6.73 11.58 -19.78
C GLN A 96 -6.15 12.61 -20.73
N ARG A 97 -6.46 12.48 -22.01
CA ARG A 97 -5.98 13.40 -23.02
C ARG A 97 -7.11 13.65 -24.02
N MET A 98 -7.28 14.91 -24.38
CA MET A 98 -8.32 15.26 -25.34
C MET A 98 -7.74 16.27 -26.32
N TYR A 99 -8.01 16.09 -27.60
CA TYR A 99 -7.55 17.03 -28.58
C TYR A 99 -8.46 17.04 -29.77
N GLY A 100 -8.52 18.19 -30.44
CA GLY A 100 -9.39 18.30 -31.60
C GLY A 100 -9.49 19.73 -32.10
N CYS A 101 -10.39 19.92 -33.06
CA CYS A 101 -10.58 21.22 -33.67
C CYS A 101 -12.06 21.58 -33.87
N ASP A 102 -12.32 22.89 -33.91
CA ASP A 102 -13.67 23.39 -34.16
C ASP A 102 -13.62 24.17 -35.47
N VAL A 103 -14.67 24.07 -36.27
CA VAL A 103 -14.76 24.83 -37.52
C VAL A 103 -16.09 25.59 -37.42
N GLY A 104 -16.14 26.77 -38.04
CA GLY A 104 -17.36 27.54 -37.96
C GLY A 104 -18.42 26.98 -38.89
N SER A 105 -19.49 27.75 -39.08
CA SER A 105 -20.56 27.31 -39.97
C SER A 105 -20.05 27.32 -41.40
N ASP A 106 -18.89 27.94 -41.61
CA ASP A 106 -18.30 28.01 -42.95
C ASP A 106 -17.23 26.92 -43.10
N TRP A 107 -17.23 25.97 -42.16
CA TRP A 107 -16.29 24.86 -42.18
C TRP A 107 -14.84 25.30 -42.12
N ARG A 108 -14.60 26.56 -41.75
CA ARG A 108 -13.24 27.06 -41.65
C ARG A 108 -12.75 26.99 -40.20
N PHE A 109 -11.46 26.72 -40.03
CA PHE A 109 -10.85 26.61 -38.70
C PHE A 109 -11.26 27.70 -37.72
N LEU A 110 -11.82 27.29 -36.59
CA LEU A 110 -12.25 28.21 -35.54
C LEU A 110 -11.27 28.15 -34.35
N ARG A 111 -10.91 26.95 -33.89
CA ARG A 111 -9.96 26.80 -32.80
C ARG A 111 -9.47 25.37 -32.62
N GLY A 112 -8.33 25.23 -31.94
CA GLY A 112 -7.74 23.93 -31.70
C GLY A 112 -7.53 23.66 -30.22
N TYR A 113 -7.58 22.39 -29.82
CA TYR A 113 -7.41 22.01 -28.41
C TYR A 113 -6.48 20.82 -28.25
N HIS A 114 -5.81 20.77 -27.11
CA HIS A 114 -4.95 19.66 -26.71
C HIS A 114 -4.74 19.80 -25.21
N GLN A 115 -5.54 19.08 -24.44
CA GLN A 115 -5.50 19.13 -22.98
C GLN A 115 -5.09 17.79 -22.38
N TYR A 116 -4.52 17.86 -21.18
CA TYR A 116 -4.06 16.67 -20.50
C TYR A 116 -4.42 16.80 -19.03
N ALA A 117 -4.79 15.68 -18.40
CA ALA A 117 -5.15 15.68 -16.99
C ALA A 117 -4.60 14.44 -16.29
N TYR A 118 -4.26 14.60 -15.02
CA TYR A 118 -3.74 13.50 -14.22
C TYR A 118 -4.63 13.37 -13.00
N ASP A 119 -5.22 12.19 -12.86
CA ASP A 119 -6.14 11.89 -11.78
C ASP A 119 -7.31 12.88 -11.71
N GLY A 120 -7.83 13.26 -12.88
CA GLY A 120 -8.98 14.14 -12.95
C GLY A 120 -8.72 15.64 -12.82
N LYS A 121 -7.47 16.02 -12.65
CA LYS A 121 -7.12 17.43 -12.48
C LYS A 121 -6.33 17.94 -13.68
N ASP A 122 -6.61 19.17 -14.09
CA ASP A 122 -5.89 19.80 -15.21
C ASP A 122 -4.40 19.60 -14.94
N TYR A 123 -3.65 19.23 -15.96
CA TYR A 123 -2.21 19.02 -15.83
C TYR A 123 -1.49 20.00 -16.75
N ILE A 124 -1.76 19.87 -18.05
CA ILE A 124 -1.18 20.75 -19.04
C ILE A 124 -2.12 20.89 -20.21
N ALA A 125 -2.18 22.09 -20.77
CA ALA A 125 -3.04 22.35 -21.91
C ALA A 125 -2.40 23.32 -22.88
N LEU A 126 -2.75 23.18 -24.15
CA LEU A 126 -2.22 24.07 -25.18
C LEU A 126 -3.11 25.30 -25.19
N LYS A 127 -2.53 26.49 -25.14
CA LYS A 127 -3.32 27.71 -25.17
C LYS A 127 -3.91 27.89 -26.55
N GLU A 128 -4.93 28.75 -26.66
CA GLU A 128 -5.60 28.95 -27.94
C GLU A 128 -4.69 29.47 -29.07
N ASP A 129 -3.58 30.12 -28.73
CA ASP A 129 -2.69 30.62 -29.77
C ASP A 129 -1.86 29.48 -30.37
N LEU A 130 -2.09 28.26 -29.85
CA LEU A 130 -1.40 27.06 -30.31
C LEU A 130 0.11 27.23 -30.37
N ARG A 131 0.65 28.07 -29.49
CA ARG A 131 2.08 28.30 -29.45
C ARG A 131 2.63 28.25 -28.03
N SER A 132 1.75 28.32 -27.03
CA SER A 132 2.18 28.27 -25.64
C SER A 132 1.40 27.30 -24.78
N TRP A 133 1.93 26.99 -23.60
CA TRP A 133 1.29 26.04 -22.71
C TRP A 133 0.90 26.55 -21.32
N THR A 134 -0.11 25.90 -20.75
CA THR A 134 -0.60 26.20 -19.42
C THR A 134 -0.21 25.02 -18.54
N ALA A 135 0.74 25.24 -17.64
CA ALA A 135 1.20 24.20 -16.73
C ALA A 135 0.54 24.37 -15.38
N ALA A 136 -0.18 23.33 -14.95
CA ALA A 136 -0.89 23.37 -13.67
C ALA A 136 0.04 23.57 -12.46
N ASP A 137 1.08 22.77 -12.34
CA ASP A 137 1.99 22.87 -11.21
C ASP A 137 3.46 22.74 -11.61
N MET A 138 4.29 22.36 -10.65
CA MET A 138 5.73 22.21 -10.89
C MET A 138 5.99 21.01 -11.81
N ALA A 139 5.30 19.91 -11.57
CA ALA A 139 5.46 18.72 -12.40
C ALA A 139 5.09 19.05 -13.84
N ALA A 140 4.01 19.79 -13.99
CA ALA A 140 3.53 20.18 -15.31
C ALA A 140 4.55 21.10 -16.01
N GLN A 141 5.22 21.95 -15.25
CA GLN A 141 6.19 22.86 -15.84
C GLN A 141 7.37 22.07 -16.41
N THR A 142 7.71 20.97 -15.76
CA THR A 142 8.80 20.12 -16.24
C THR A 142 8.39 19.52 -17.59
N THR A 143 7.12 19.17 -17.73
CA THR A 143 6.62 18.61 -18.98
C THR A 143 6.53 19.71 -20.03
N LYS A 144 6.21 20.92 -19.58
CA LYS A 144 6.09 22.08 -20.45
C LYS A 144 7.44 22.37 -21.10
N HIS A 145 8.50 22.41 -20.30
CA HIS A 145 9.84 22.68 -20.83
C HIS A 145 10.24 21.60 -21.83
N LYS A 146 9.94 20.36 -21.50
CA LYS A 146 10.25 19.25 -22.38
C LYS A 146 9.56 19.43 -23.73
N TRP A 147 8.26 19.73 -23.69
CA TRP A 147 7.49 19.92 -24.90
C TRP A 147 7.94 21.15 -25.69
N GLU A 148 8.45 22.16 -24.98
CA GLU A 148 8.90 23.36 -25.66
C GLU A 148 10.18 23.01 -26.42
N ALA A 149 11.09 22.33 -25.73
CA ALA A 149 12.36 21.93 -26.32
C ALA A 149 12.17 21.05 -27.55
N ALA A 150 11.14 20.22 -27.53
CA ALA A 150 10.87 19.34 -28.66
C ALA A 150 9.92 19.97 -29.69
N HIS A 151 9.63 21.26 -29.52
CA HIS A 151 8.75 21.95 -30.47
C HIS A 151 7.46 21.17 -30.74
N VAL A 152 6.83 20.72 -29.66
CA VAL A 152 5.59 19.97 -29.76
C VAL A 152 4.42 20.84 -30.18
N ALA A 153 4.37 22.05 -29.64
CA ALA A 153 3.28 22.97 -29.98
C ALA A 153 3.19 23.21 -31.49
N GLU A 154 4.35 23.36 -32.13
CA GLU A 154 4.38 23.59 -33.57
C GLU A 154 3.80 22.43 -34.35
N GLN A 155 4.14 21.20 -33.94
CA GLN A 155 3.63 20.03 -34.63
C GLN A 155 2.12 19.94 -34.40
N LEU A 156 1.67 20.37 -33.23
CA LEU A 156 0.26 20.34 -32.91
C LEU A 156 -0.59 21.34 -33.68
N ARG A 157 -0.09 22.56 -33.92
CA ARG A 157 -0.91 23.51 -34.65
C ARG A 157 -1.06 23.11 -36.12
N ALA A 158 -0.04 22.50 -36.68
CA ALA A 158 -0.09 22.03 -38.07
C ALA A 158 -1.18 20.96 -38.16
N TYR A 159 -1.22 20.04 -37.20
CA TYR A 159 -2.25 19.00 -37.22
C TYR A 159 -3.63 19.58 -36.99
N LEU A 160 -3.74 20.42 -35.97
CA LEU A 160 -5.01 21.05 -35.60
C LEU A 160 -5.60 22.00 -36.64
N GLU A 161 -4.75 22.74 -37.33
CA GLU A 161 -5.22 23.68 -38.35
C GLU A 161 -5.28 23.06 -39.74
N GLY A 162 -4.56 21.96 -39.94
CA GLY A 162 -4.56 21.32 -41.23
C GLY A 162 -5.32 20.01 -41.23
N THR A 163 -4.60 18.94 -40.97
CA THR A 163 -5.16 17.59 -40.95
C THR A 163 -6.50 17.50 -40.23
N CYS A 164 -6.56 18.02 -39.00
CA CYS A 164 -7.80 17.94 -38.22
C CYS A 164 -9.02 18.51 -38.94
N VAL A 165 -8.90 19.72 -39.43
CA VAL A 165 -9.99 20.37 -40.14
C VAL A 165 -10.30 19.68 -41.47
N GLU A 166 -9.25 19.22 -42.16
CA GLU A 166 -9.40 18.54 -43.44
C GLU A 166 -10.21 17.27 -43.33
N TRP A 167 -9.87 16.43 -42.34
CA TRP A 167 -10.58 15.18 -42.17
C TRP A 167 -11.97 15.38 -41.57
N LEU A 168 -12.13 16.42 -40.76
CA LEU A 168 -13.44 16.70 -40.20
C LEU A 168 -14.38 16.94 -41.39
N ARG A 169 -13.97 17.84 -42.28
CA ARG A 169 -14.76 18.14 -43.48
C ARG A 169 -15.08 16.88 -44.25
N ARG A 170 -14.08 16.04 -44.47
CA ARG A 170 -14.27 14.79 -45.19
C ARG A 170 -15.34 13.97 -44.48
N TYR A 171 -15.21 13.86 -43.16
CA TYR A 171 -16.19 13.11 -42.37
C TYR A 171 -17.58 13.70 -42.49
N LEU A 172 -17.68 15.03 -42.41
CA LEU A 172 -18.97 15.70 -42.52
C LEU A 172 -19.60 15.38 -43.86
N GLU A 173 -18.78 15.36 -44.92
CA GLU A 173 -19.27 15.03 -46.26
C GLU A 173 -19.68 13.57 -46.36
N ASN A 174 -18.76 12.65 -46.06
CA ASN A 174 -19.08 11.24 -46.17
C ASN A 174 -20.29 10.89 -45.33
N GLY A 175 -20.44 11.57 -44.20
CA GLY A 175 -21.57 11.31 -43.34
C GLY A 175 -22.67 12.36 -43.41
N LYS A 176 -22.78 13.06 -44.54
CA LYS A 176 -23.81 14.09 -44.71
C LYS A 176 -25.14 13.74 -44.03
N GLU A 177 -25.70 12.59 -44.40
CA GLU A 177 -26.97 12.14 -43.86
C GLU A 177 -27.08 12.11 -42.33
N THR A 178 -26.01 11.70 -41.66
CA THR A 178 -25.98 11.61 -40.21
C THR A 178 -25.53 12.92 -39.58
N LEU A 179 -24.25 13.22 -39.76
CA LEU A 179 -23.64 14.42 -39.19
C LEU A 179 -24.25 15.77 -39.57
N GLN A 180 -24.71 15.90 -40.81
CA GLN A 180 -25.30 17.17 -41.21
C GLN A 180 -26.81 17.29 -41.04
N ARG A 181 -27.40 16.41 -40.24
CA ARG A 181 -28.83 16.46 -40.01
C ARG A 181 -29.10 17.28 -38.75
N THR A 182 -30.30 17.82 -38.66
CA THR A 182 -30.67 18.56 -37.46
C THR A 182 -32.06 18.09 -37.12
N ASP A 183 -32.19 17.32 -36.07
CA ASP A 183 -33.51 16.87 -35.71
C ASP A 183 -34.07 17.83 -34.66
N ALA A 184 -35.02 18.66 -35.07
CA ALA A 184 -35.64 19.59 -34.13
C ALA A 184 -36.33 18.72 -33.09
N PRO A 185 -36.28 19.12 -31.81
CA PRO A 185 -36.91 18.33 -30.77
C PRO A 185 -38.43 18.22 -30.86
N LYS A 186 -38.93 17.05 -30.48
CA LYS A 186 -40.37 16.81 -30.44
C LYS A 186 -40.69 17.27 -29.02
N THR A 187 -41.68 18.14 -28.84
CA THR A 187 -41.98 18.62 -27.50
C THR A 187 -43.40 18.37 -27.02
N HIS A 188 -43.53 18.25 -25.70
CA HIS A 188 -44.82 18.03 -25.06
C HIS A 188 -44.62 18.21 -23.57
N MET A 189 -45.72 18.34 -22.84
CA MET A 189 -45.69 18.53 -21.40
C MET A 189 -46.54 17.48 -20.70
N THR A 190 -46.22 17.22 -19.45
CA THR A 190 -46.98 16.28 -18.64
C THR A 190 -47.36 17.02 -17.37
N HIS A 191 -48.49 16.62 -16.80
CA HIS A 191 -49.00 17.23 -15.59
C HIS A 191 -49.30 16.12 -14.59
N HIS A 192 -48.73 16.22 -13.40
CA HIS A 192 -48.94 15.22 -12.35
C HIS A 192 -49.12 15.88 -10.99
N ALA A 193 -50.24 15.60 -10.36
CA ALA A 193 -50.58 16.16 -9.06
C ALA A 193 -49.83 15.47 -7.93
N VAL A 194 -48.98 16.21 -7.22
CA VAL A 194 -48.25 15.61 -6.11
C VAL A 194 -49.14 15.60 -4.89
N SER A 195 -49.96 16.64 -4.75
CA SER A 195 -50.90 16.76 -3.63
C SER A 195 -52.16 17.44 -4.15
N ASP A 196 -53.02 17.87 -3.24
CA ASP A 196 -54.26 18.53 -3.65
C ASP A 196 -54.03 20.01 -3.93
N HIS A 197 -52.85 20.52 -3.57
CA HIS A 197 -52.54 21.94 -3.77
C HIS A 197 -51.27 22.23 -4.60
N GLU A 198 -50.63 21.19 -5.12
CA GLU A 198 -49.45 21.36 -5.95
C GLU A 198 -49.39 20.31 -7.05
N ALA A 199 -48.76 20.66 -8.16
CA ALA A 199 -48.64 19.74 -9.27
C ALA A 199 -47.31 19.93 -10.00
N THR A 200 -46.85 18.86 -10.62
CA THR A 200 -45.60 18.88 -11.37
C THR A 200 -45.87 19.07 -12.86
N LEU A 201 -45.23 20.07 -13.43
CA LEU A 201 -45.36 20.33 -14.85
C LEU A 201 -43.99 20.01 -15.45
N ARG A 202 -43.93 19.02 -16.34
CA ARG A 202 -42.68 18.63 -16.96
C ARG A 202 -42.66 18.93 -18.47
N CYS A 203 -41.59 19.56 -18.92
CA CYS A 203 -41.45 19.91 -20.33
C CYS A 203 -40.45 18.99 -20.99
N TRP A 204 -40.88 18.32 -22.04
CA TRP A 204 -40.01 17.39 -22.75
C TRP A 204 -39.51 17.85 -24.10
N ALA A 205 -38.25 17.51 -24.38
CA ALA A 205 -37.61 17.78 -25.67
C ALA A 205 -37.02 16.42 -26.07
N LEU A 206 -37.57 15.83 -27.12
CA LEU A 206 -37.12 14.51 -27.53
C LEU A 206 -36.67 14.37 -28.98
N SER A 207 -35.85 13.34 -29.21
CA SER A 207 -35.36 13.00 -30.54
C SER A 207 -34.67 14.14 -31.28
N PHE A 208 -33.91 14.99 -30.56
CA PHE A 208 -33.24 16.08 -31.24
C PHE A 208 -31.75 15.82 -31.45
N TYR A 209 -31.21 16.46 -32.49
CA TYR A 209 -29.80 16.37 -32.84
C TYR A 209 -29.49 17.68 -33.58
N PRO A 210 -28.37 18.33 -33.25
CA PRO A 210 -27.37 17.95 -32.26
C PRO A 210 -27.85 18.14 -30.83
N ALA A 211 -26.99 17.81 -29.88
CA ALA A 211 -27.30 17.86 -28.47
C ALA A 211 -27.49 19.22 -27.85
N GLU A 212 -26.84 20.23 -28.40
CA GLU A 212 -26.96 21.59 -27.88
C GLU A 212 -28.43 22.00 -27.87
N ILE A 213 -28.91 22.51 -26.75
CA ILE A 213 -30.30 22.94 -26.63
C ILE A 213 -30.48 23.78 -25.36
N THR A 214 -31.51 24.63 -25.37
CA THR A 214 -31.83 25.46 -24.22
C THR A 214 -33.30 25.17 -23.88
N LEU A 215 -33.54 24.73 -22.65
CA LEU A 215 -34.86 24.37 -22.19
C LEU A 215 -35.10 24.99 -20.84
N THR A 216 -36.03 25.94 -20.75
CA THR A 216 -36.31 26.59 -19.48
C THR A 216 -37.80 26.74 -19.21
N TRP A 217 -38.13 27.08 -17.96
CA TRP A 217 -39.49 27.33 -17.53
C TRP A 217 -39.52 28.77 -17.05
N GLN A 218 -40.63 29.47 -17.33
CA GLN A 218 -40.79 30.84 -16.89
C GLN A 218 -42.15 30.98 -16.22
N ARG A 219 -42.25 31.92 -15.27
CA ARG A 219 -43.52 32.21 -14.60
C ARG A 219 -43.81 33.66 -14.90
N ASP A 220 -44.92 33.92 -15.58
CA ASP A 220 -45.26 35.29 -15.97
C ASP A 220 -44.14 35.86 -16.82
N GLY A 221 -43.50 34.98 -17.60
CA GLY A 221 -42.41 35.40 -18.45
C GLY A 221 -41.08 35.61 -17.74
N GLU A 222 -41.02 35.36 -16.44
CA GLU A 222 -39.77 35.56 -15.69
C GLU A 222 -39.05 34.22 -15.46
N ASP A 223 -37.72 34.23 -15.59
CA ASP A 223 -36.94 33.01 -15.41
C ASP A 223 -37.16 32.37 -14.04
N GLN A 224 -37.18 31.05 -14.00
CA GLN A 224 -37.39 30.28 -12.78
C GLN A 224 -36.20 29.36 -12.55
N THR A 225 -35.04 29.79 -13.02
CA THR A 225 -33.83 28.99 -12.92
C THR A 225 -33.69 28.15 -11.65
N GLN A 226 -33.83 28.78 -10.49
CA GLN A 226 -33.68 28.07 -9.22
C GLN A 226 -34.85 27.24 -8.73
N ASP A 227 -35.99 27.34 -9.40
CA ASP A 227 -37.15 26.56 -9.02
C ASP A 227 -37.42 25.53 -10.12
N THR A 228 -36.42 25.32 -10.95
CA THR A 228 -36.55 24.39 -12.05
C THR A 228 -35.65 23.18 -11.86
N GLU A 229 -36.21 22.01 -12.09
CA GLU A 229 -35.41 20.81 -12.00
C GLU A 229 -35.09 20.53 -13.45
N LEU A 230 -33.82 20.69 -13.79
CA LEU A 230 -33.34 20.49 -15.15
C LEU A 230 -32.35 19.32 -15.19
N VAL A 231 -32.65 18.31 -16.00
CA VAL A 231 -31.72 17.19 -16.09
C VAL A 231 -30.69 17.42 -17.18
N GLU A 232 -29.58 16.72 -17.04
CA GLU A 232 -28.50 16.77 -17.98
C GLU A 232 -29.03 16.26 -19.34
N THR A 233 -28.59 16.87 -20.43
CA THR A 233 -29.03 16.41 -21.75
C THR A 233 -28.52 14.97 -21.83
N ARG A 234 -29.33 14.05 -22.32
CA ARG A 234 -28.95 12.65 -22.33
C ARG A 234 -29.14 11.91 -23.66
N PRO A 235 -28.30 10.89 -23.94
CA PRO A 235 -28.39 10.12 -25.19
C PRO A 235 -29.56 9.14 -25.17
N ALA A 236 -30.35 9.15 -26.24
CA ALA A 236 -31.48 8.23 -26.33
C ALA A 236 -30.97 6.84 -26.70
N GLY A 237 -29.79 6.76 -27.28
CA GLY A 237 -29.23 5.49 -27.67
C GLY A 237 -29.27 5.25 -29.18
N ASP A 238 -30.04 6.04 -29.90
CA ASP A 238 -30.15 5.89 -31.34
C ASP A 238 -29.50 7.04 -32.09
N GLY A 239 -28.64 7.79 -31.41
CA GLY A 239 -27.99 8.90 -32.07
C GLY A 239 -28.64 10.23 -31.74
N THR A 240 -29.84 10.20 -31.13
CA THR A 240 -30.53 11.44 -30.76
C THR A 240 -30.42 11.69 -29.26
N PHE A 241 -30.96 12.81 -28.81
CA PHE A 241 -30.86 13.18 -27.40
C PHE A 241 -32.20 13.57 -26.82
N GLN A 242 -32.24 13.67 -25.49
CA GLN A 242 -33.45 14.04 -24.79
C GLN A 242 -33.10 14.95 -23.63
N LYS A 243 -34.11 15.58 -23.07
CA LYS A 243 -33.92 16.46 -21.92
C LYS A 243 -35.28 16.94 -21.46
N TRP A 244 -35.44 17.13 -20.16
CA TRP A 244 -36.69 17.67 -19.67
C TRP A 244 -36.42 18.66 -18.56
N ALA A 245 -37.42 19.47 -18.25
CA ALA A 245 -37.32 20.46 -17.19
C ALA A 245 -38.67 20.44 -16.50
N ALA A 246 -38.67 20.53 -15.18
CA ALA A 246 -39.91 20.50 -14.41
C ALA A 246 -39.96 21.54 -13.31
N VAL A 247 -41.17 21.97 -12.97
CA VAL A 247 -41.40 22.94 -11.91
C VAL A 247 -42.62 22.49 -11.13
N VAL A 248 -42.58 22.72 -9.83
CA VAL A 248 -43.71 22.38 -8.98
C VAL A 248 -44.57 23.62 -8.94
N VAL A 249 -45.77 23.45 -9.49
CA VAL A 249 -46.76 24.50 -9.62
C VAL A 249 -47.93 24.46 -8.65
N PRO A 250 -48.27 25.62 -8.07
CA PRO A 250 -49.41 25.59 -7.15
C PRO A 250 -50.65 25.30 -8.01
N SER A 251 -51.43 24.28 -7.67
CA SER A 251 -52.62 23.94 -8.46
C SER A 251 -53.44 25.21 -8.68
N GLY A 252 -53.86 25.43 -9.92
CA GLY A 252 -54.62 26.62 -10.24
C GLY A 252 -53.77 27.70 -10.90
N GLN A 253 -52.43 27.52 -10.89
CA GLN A 253 -51.51 28.48 -11.48
C GLN A 253 -50.78 27.97 -12.74
N GLU A 254 -51.25 26.85 -13.29
CA GLU A 254 -50.61 26.27 -14.47
C GLU A 254 -50.46 27.27 -15.61
N GLN A 255 -51.49 28.09 -15.80
CA GLN A 255 -51.51 29.08 -16.87
C GLN A 255 -50.43 30.16 -16.83
N ARG A 256 -49.82 30.39 -15.67
CA ARG A 256 -48.79 31.42 -15.53
C ARG A 256 -47.43 30.94 -16.02
N TYR A 257 -47.29 29.63 -16.20
CA TYR A 257 -46.02 29.03 -16.61
C TYR A 257 -45.87 28.74 -18.10
N THR A 258 -44.67 28.92 -18.61
CA THR A 258 -44.40 28.65 -20.01
C THR A 258 -43.05 27.98 -20.17
N CYS A 259 -42.99 27.00 -21.06
CA CYS A 259 -41.77 26.30 -21.32
C CYS A 259 -41.17 26.89 -22.58
N HIS A 260 -39.85 27.09 -22.56
CA HIS A 260 -39.17 27.67 -23.71
C HIS A 260 -38.12 26.73 -24.23
N VAL A 261 -38.11 26.54 -25.54
CA VAL A 261 -37.19 25.64 -26.20
C VAL A 261 -36.43 26.31 -27.33
N GLN A 262 -35.11 26.15 -27.31
CA GLN A 262 -34.25 26.72 -28.34
C GLN A 262 -33.35 25.61 -28.86
N HIS A 263 -33.30 25.50 -30.18
CA HIS A 263 -32.50 24.47 -30.83
C HIS A 263 -32.27 24.82 -32.29
N GLU A 264 -31.11 24.44 -32.82
CA GLU A 264 -30.75 24.72 -34.22
C GLU A 264 -31.82 24.21 -35.19
N GLY A 265 -32.55 23.18 -34.79
CA GLY A 265 -33.59 22.63 -35.63
C GLY A 265 -34.88 23.40 -35.61
N LEU A 266 -34.95 24.46 -34.81
CA LEU A 266 -36.16 25.28 -34.72
C LEU A 266 -35.94 26.71 -35.23
N PRO A 267 -36.51 27.05 -36.41
CA PRO A 267 -36.33 28.41 -36.95
C PRO A 267 -36.72 29.49 -35.94
N LYS A 268 -37.75 29.21 -35.15
CA LYS A 268 -38.19 30.17 -34.14
C LYS A 268 -38.34 29.43 -32.81
N PRO A 269 -37.85 30.02 -31.71
CA PRO A 269 -37.95 29.36 -30.40
C PRO A 269 -39.39 28.97 -30.08
N LEU A 270 -39.55 27.83 -29.41
CA LEU A 270 -40.86 27.37 -29.03
C LEU A 270 -41.20 27.87 -27.63
N THR A 271 -42.48 28.13 -27.43
CA THR A 271 -43.01 28.57 -26.15
C THR A 271 -44.26 27.74 -25.91
N LEU A 272 -44.25 26.96 -24.83
CA LEU A 272 -45.39 26.11 -24.53
C LEU A 272 -46.01 26.53 -23.21
N ARG A 273 -47.31 26.33 -23.10
CA ARG A 273 -48.05 26.69 -21.89
C ARG A 273 -49.11 25.63 -21.70
N TRP A 274 -49.25 25.13 -20.47
CA TRP A 274 -50.26 24.11 -20.21
C TRP A 274 -51.60 24.81 -20.17
N GLU A 275 -52.51 24.41 -21.05
CA GLU A 275 -53.84 25.01 -21.11
C GLU A 275 -54.83 24.17 -21.92
N MET B 1 -6.96 11.99 -3.87
CA MET B 1 -7.24 12.27 -5.31
C MET B 1 -8.70 12.61 -5.53
N ILE B 2 -8.98 13.29 -6.62
CA ILE B 2 -10.33 13.70 -6.96
C ILE B 2 -11.29 12.52 -7.09
N GLN B 3 -12.49 12.70 -6.56
CA GLN B 3 -13.54 11.70 -6.63
C GLN B 3 -14.84 12.44 -6.82
N ARG B 4 -15.51 12.16 -7.93
CA ARG B 4 -16.79 12.79 -8.23
C ARG B 4 -17.83 11.70 -8.32
N THR B 5 -18.96 11.93 -7.67
CA THR B 5 -20.03 10.96 -7.64
C THR B 5 -20.86 11.03 -8.92
N PRO B 6 -21.26 9.86 -9.46
CA PRO B 6 -22.05 9.78 -10.69
C PRO B 6 -23.49 10.24 -10.59
N LYS B 7 -23.92 10.96 -11.63
CA LYS B 7 -25.30 11.39 -11.68
C LYS B 7 -25.92 10.19 -12.37
N ILE B 8 -27.19 9.93 -12.11
CA ILE B 8 -27.85 8.78 -12.69
C ILE B 8 -29.22 9.10 -13.23
N GLN B 9 -29.48 8.65 -14.47
CA GLN B 9 -30.79 8.84 -15.08
C GLN B 9 -31.17 7.50 -15.69
N VAL B 10 -32.36 7.03 -15.33
CA VAL B 10 -32.86 5.78 -15.85
C VAL B 10 -34.10 6.13 -16.66
N TYR B 11 -34.10 5.77 -17.93
CA TYR B 11 -35.20 6.12 -18.82
C TYR B 11 -35.22 5.19 -20.03
N SER B 12 -36.25 5.33 -20.84
CA SER B 12 -36.39 4.52 -22.04
C SER B 12 -36.07 5.37 -23.27
N ARG B 13 -35.63 4.71 -24.34
CA ARG B 13 -35.28 5.38 -25.58
C ARG B 13 -36.46 6.08 -26.22
N HIS B 14 -37.60 5.40 -26.23
CA HIS B 14 -38.83 5.90 -26.82
C HIS B 14 -39.87 6.01 -25.70
N PRO B 15 -40.92 6.80 -25.92
CA PRO B 15 -41.93 6.91 -24.86
C PRO B 15 -42.41 5.49 -24.57
N ALA B 16 -42.64 5.20 -23.28
CA ALA B 16 -43.08 3.87 -22.86
C ALA B 16 -44.52 3.55 -23.25
N GLU B 17 -44.69 2.44 -23.95
CA GLU B 17 -46.01 1.97 -24.36
C GLU B 17 -46.01 0.49 -24.05
N ASN B 18 -46.88 0.07 -23.16
CA ASN B 18 -46.93 -1.35 -22.77
C ASN B 18 -47.12 -2.27 -23.96
N GLY B 19 -46.30 -3.32 -24.01
CA GLY B 19 -46.39 -4.29 -25.09
C GLY B 19 -45.52 -4.00 -26.30
N LYS B 20 -44.94 -2.80 -26.37
CA LYS B 20 -44.09 -2.43 -27.49
C LYS B 20 -42.60 -2.42 -27.15
N SER B 21 -41.81 -3.03 -28.03
CA SER B 21 -40.37 -3.14 -27.85
C SER B 21 -39.73 -1.76 -27.70
N ASN B 22 -38.72 -1.66 -26.84
CA ASN B 22 -38.07 -0.38 -26.56
C ASN B 22 -36.66 -0.66 -26.05
N PHE B 23 -36.01 0.37 -25.50
CA PHE B 23 -34.69 0.21 -24.91
C PHE B 23 -34.70 0.91 -23.55
N LEU B 24 -34.16 0.24 -22.55
CA LEU B 24 -34.07 0.77 -21.21
C LEU B 24 -32.66 1.27 -21.01
N ASN B 25 -32.53 2.57 -20.82
CA ASN B 25 -31.22 3.17 -20.60
C ASN B 25 -30.96 3.57 -19.16
N CYS B 26 -29.67 3.62 -18.83
CA CYS B 26 -29.22 4.11 -17.54
C CYS B 26 -27.99 4.89 -17.91
N TYR B 27 -28.06 6.21 -17.76
CA TYR B 27 -26.97 7.08 -18.11
C TYR B 27 -26.26 7.57 -16.84
N VAL B 28 -24.97 7.28 -16.72
CA VAL B 28 -24.20 7.72 -15.56
C VAL B 28 -23.17 8.71 -16.07
N SER B 29 -23.04 9.84 -15.38
CA SER B 29 -22.11 10.89 -15.78
C SER B 29 -21.53 11.66 -14.61
N GLY B 30 -20.57 12.53 -14.92
CA GLY B 30 -19.94 13.35 -13.90
C GLY B 30 -19.14 12.62 -12.84
N PHE B 31 -18.79 11.36 -13.09
CA PHE B 31 -18.04 10.63 -12.07
C PHE B 31 -16.54 10.53 -12.30
N HIS B 32 -15.82 10.14 -11.25
CA HIS B 32 -14.38 9.99 -11.35
C HIS B 32 -13.86 9.40 -10.04
N PRO B 33 -12.98 8.40 -10.10
CA PRO B 33 -12.39 7.74 -11.28
C PRO B 33 -13.39 6.96 -12.15
N SER B 34 -12.88 6.33 -13.19
CA SER B 34 -13.74 5.60 -14.14
C SER B 34 -14.28 4.25 -13.70
N ASP B 35 -13.61 3.59 -12.75
CA ASP B 35 -14.08 2.30 -12.27
C ASP B 35 -15.49 2.49 -11.70
N ILE B 36 -16.45 1.82 -12.32
CA ILE B 36 -17.83 1.94 -11.88
C ILE B 36 -18.61 0.67 -12.19
N GLU B 37 -19.62 0.39 -11.38
CA GLU B 37 -20.46 -0.80 -11.54
C GLU B 37 -21.89 -0.33 -11.80
N VAL B 38 -22.45 -0.75 -12.93
CA VAL B 38 -23.80 -0.37 -13.30
C VAL B 38 -24.62 -1.58 -13.77
N ASP B 39 -25.80 -1.75 -13.17
CA ASP B 39 -26.68 -2.86 -13.52
C ASP B 39 -28.11 -2.37 -13.71
N LEU B 40 -28.83 -3.01 -14.63
CA LEU B 40 -30.23 -2.70 -14.86
C LEU B 40 -30.98 -3.86 -14.18
N LEU B 41 -32.05 -3.54 -13.48
CA LEU B 41 -32.81 -4.56 -12.77
C LEU B 41 -34.27 -4.62 -13.19
N LYS B 42 -34.80 -5.84 -13.25
CA LYS B 42 -36.20 -6.07 -13.61
C LYS B 42 -36.83 -6.74 -12.40
N ASN B 43 -37.73 -6.02 -11.75
CA ASN B 43 -38.40 -6.53 -10.55
C ASN B 43 -37.34 -7.03 -9.57
N GLY B 44 -36.27 -6.26 -9.41
CA GLY B 44 -35.22 -6.62 -8.47
C GLY B 44 -34.10 -7.52 -8.99
N GLU B 45 -34.31 -8.15 -10.14
CA GLU B 45 -33.29 -9.05 -10.68
C GLU B 45 -32.37 -8.41 -11.72
N ARG B 46 -31.08 -8.65 -11.57
CA ARG B 46 -30.08 -8.10 -12.50
C ARG B 46 -30.30 -8.61 -13.93
N ILE B 47 -30.46 -7.70 -14.87
CA ILE B 47 -30.66 -8.07 -16.27
C ILE B 47 -29.30 -8.49 -16.83
N GLU B 48 -29.27 -9.66 -17.46
CA GLU B 48 -28.05 -10.22 -18.02
C GLU B 48 -27.52 -9.57 -19.29
N LYS B 49 -28.39 -9.37 -20.26
CA LYS B 49 -27.98 -8.80 -21.53
C LYS B 49 -27.97 -7.28 -21.52
N VAL B 50 -26.94 -6.68 -20.93
CA VAL B 50 -26.85 -5.23 -20.89
C VAL B 50 -25.54 -4.77 -21.50
N GLU B 51 -25.61 -3.81 -22.41
CA GLU B 51 -24.40 -3.30 -23.03
C GLU B 51 -24.19 -1.85 -22.64
N HIS B 52 -22.99 -1.35 -22.91
CA HIS B 52 -22.67 0.02 -22.58
C HIS B 52 -21.79 0.67 -23.63
N SER B 53 -21.91 1.99 -23.73
CA SER B 53 -21.14 2.79 -24.67
C SER B 53 -19.65 2.73 -24.29
N ASP B 54 -18.80 3.23 -25.18
CA ASP B 54 -17.37 3.24 -24.90
C ASP B 54 -17.06 4.41 -23.96
N LEU B 55 -16.21 4.17 -22.98
CA LEU B 55 -15.84 5.20 -22.02
C LEU B 55 -15.37 6.50 -22.66
N SER B 56 -16.00 7.60 -22.28
CA SER B 56 -15.62 8.92 -22.78
C SER B 56 -15.77 9.89 -21.61
N PHE B 57 -15.42 11.16 -21.82
CA PHE B 57 -15.53 12.16 -20.74
C PHE B 57 -15.83 13.56 -21.25
N SER B 58 -16.34 14.41 -20.36
CA SER B 58 -16.70 15.79 -20.67
C SER B 58 -15.53 16.76 -20.56
N LYS B 59 -15.78 18.05 -20.78
CA LYS B 59 -14.72 19.07 -20.70
C LYS B 59 -14.02 19.08 -19.35
N ASP B 60 -14.77 18.82 -18.28
CA ASP B 60 -14.19 18.82 -16.94
C ASP B 60 -13.56 17.49 -16.54
N TRP B 61 -13.31 16.63 -17.53
CA TRP B 61 -12.69 15.33 -17.31
C TRP B 61 -13.55 14.24 -16.66
N SER B 62 -14.75 14.58 -16.21
CA SER B 62 -15.58 13.57 -15.58
C SER B 62 -16.09 12.61 -16.67
N PHE B 63 -16.20 11.33 -16.34
CA PHE B 63 -16.64 10.32 -17.30
C PHE B 63 -18.14 10.17 -17.45
N TYR B 64 -18.56 9.56 -18.55
CA TYR B 64 -19.97 9.30 -18.78
C TYR B 64 -20.11 8.02 -19.58
N LEU B 65 -21.10 7.22 -19.22
CA LEU B 65 -21.35 5.96 -19.90
C LEU B 65 -22.83 5.73 -20.04
N LEU B 66 -23.22 5.08 -21.13
CA LEU B 66 -24.61 4.74 -21.36
C LEU B 66 -24.76 3.21 -21.35
N TYR B 67 -25.49 2.71 -20.36
CA TYR B 67 -25.77 1.28 -20.26
C TYR B 67 -27.20 1.13 -20.75
N TYR B 68 -27.45 0.12 -21.57
CA TYR B 68 -28.77 -0.07 -22.12
C TYR B 68 -29.09 -1.52 -22.46
N THR B 69 -30.38 -1.83 -22.54
CA THR B 69 -30.82 -3.17 -22.88
C THR B 69 -32.21 -3.09 -23.50
N GLU B 70 -32.50 -3.99 -24.43
CA GLU B 70 -33.80 -4.03 -25.08
C GLU B 70 -34.84 -4.52 -24.07
N PHE B 71 -36.06 -4.02 -24.17
CA PHE B 71 -37.10 -4.48 -23.27
C PHE B 71 -38.49 -4.05 -23.76
N THR B 72 -39.51 -4.69 -23.20
CA THR B 72 -40.88 -4.40 -23.53
C THR B 72 -41.58 -4.13 -22.20
N PRO B 73 -41.86 -2.84 -21.91
CA PRO B 73 -42.51 -2.51 -20.66
C PRO B 73 -43.95 -3.00 -20.60
N THR B 74 -44.39 -3.34 -19.40
CA THR B 74 -45.75 -3.77 -19.18
C THR B 74 -46.27 -2.87 -18.06
N GLU B 75 -47.50 -3.12 -17.64
CA GLU B 75 -48.10 -2.30 -16.59
C GLU B 75 -47.49 -2.62 -15.22
N LYS B 76 -47.23 -3.89 -14.95
CA LYS B 76 -46.70 -4.28 -13.65
C LYS B 76 -45.19 -4.39 -13.49
N ASP B 77 -44.45 -4.62 -14.56
CA ASP B 77 -43.01 -4.76 -14.44
C ASP B 77 -42.32 -3.48 -13.97
N GLU B 78 -41.47 -3.64 -12.96
CA GLU B 78 -40.70 -2.52 -12.40
C GLU B 78 -39.24 -2.67 -12.83
N TYR B 79 -38.63 -1.56 -13.24
CA TYR B 79 -37.23 -1.57 -13.65
C TYR B 79 -36.49 -0.52 -12.81
N ALA B 80 -35.19 -0.71 -12.67
CA ALA B 80 -34.37 0.22 -11.91
C ALA B 80 -32.91 0.05 -12.27
N CYS B 81 -32.11 1.06 -11.97
CA CYS B 81 -30.70 1.02 -12.24
C CYS B 81 -29.96 1.05 -10.91
N ARG B 82 -28.99 0.14 -10.76
CA ARG B 82 -28.20 0.09 -9.54
C ARG B 82 -26.77 0.44 -9.89
N VAL B 83 -26.20 1.37 -9.14
CA VAL B 83 -24.86 1.81 -9.42
C VAL B 83 -23.99 1.84 -8.17
N ASN B 84 -22.74 1.45 -8.32
CA ASN B 84 -21.81 1.52 -7.21
C ASN B 84 -20.55 2.17 -7.73
N HIS B 85 -19.91 2.93 -6.86
CA HIS B 85 -18.72 3.69 -7.22
C HIS B 85 -18.04 4.02 -5.89
N VAL B 86 -16.74 4.28 -5.93
CA VAL B 86 -15.98 4.58 -4.72
C VAL B 86 -16.60 5.72 -3.89
N THR B 87 -17.33 6.62 -4.54
CA THR B 87 -17.96 7.74 -3.84
C THR B 87 -19.30 7.40 -3.17
N LEU B 88 -19.74 6.15 -3.31
CA LEU B 88 -21.00 5.71 -2.73
C LEU B 88 -20.75 4.67 -1.64
N SER B 89 -21.24 4.92 -0.43
CA SER B 89 -21.05 3.98 0.67
C SER B 89 -21.95 2.77 0.47
N GLN B 90 -23.10 2.99 -0.16
CA GLN B 90 -24.06 1.92 -0.42
C GLN B 90 -24.41 1.94 -1.91
N PRO B 91 -24.64 0.77 -2.51
CA PRO B 91 -24.98 0.88 -3.93
C PRO B 91 -26.27 1.72 -4.06
N LYS B 92 -26.26 2.68 -4.97
CA LYS B 92 -27.40 3.55 -5.19
C LYS B 92 -28.35 2.98 -6.23
N ILE B 93 -29.63 2.95 -5.89
CA ILE B 93 -30.65 2.42 -6.79
C ILE B 93 -31.68 3.46 -7.19
N VAL B 94 -31.86 3.62 -8.49
CA VAL B 94 -32.82 4.59 -9.02
C VAL B 94 -33.88 3.83 -9.82
N LYS B 95 -35.14 4.00 -9.41
CA LYS B 95 -36.24 3.33 -10.06
C LYS B 95 -36.60 4.03 -11.36
N TRP B 96 -37.12 3.26 -12.30
CA TRP B 96 -37.53 3.80 -13.57
C TRP B 96 -38.95 4.35 -13.46
N ASP B 97 -39.12 5.61 -13.86
CA ASP B 97 -40.40 6.28 -13.84
C ASP B 97 -40.63 6.67 -15.30
N ARG B 98 -41.65 6.12 -15.94
CA ARG B 98 -41.88 6.44 -17.34
C ARG B 98 -42.18 7.92 -17.59
N ASP B 99 -42.27 8.70 -16.52
CA ASP B 99 -42.54 10.14 -16.66
C ASP B 99 -41.27 10.97 -16.51
N MET B 100 -40.10 10.32 -16.47
CA MET B 100 -38.83 11.03 -16.30
C MET B 100 -37.70 10.40 -17.13
N ILE C 1 -8.97 11.64 -38.50
CA ILE C 1 -7.84 10.74 -38.14
C ILE C 1 -7.00 11.28 -36.99
N LEU C 2 -6.34 10.37 -36.29
CA LEU C 2 -5.49 10.69 -35.16
C LEU C 2 -4.28 11.51 -35.56
N SER C 3 -3.67 12.15 -34.56
CA SER C 3 -2.48 12.94 -34.79
C SER C 3 -1.30 11.97 -34.96
N ALA C 4 -0.32 12.41 -35.75
CA ALA C 4 0.87 11.62 -36.05
C ALA C 4 1.76 11.30 -34.87
N LEU C 5 2.44 12.32 -34.33
CA LEU C 5 3.34 12.09 -33.20
C LEU C 5 2.72 12.34 -31.83
N VAL C 6 3.19 11.59 -30.84
CA VAL C 6 2.70 11.66 -29.46
C VAL C 6 3.87 11.63 -28.46
N GLY C 7 4.34 12.80 -28.04
CA GLY C 7 5.45 12.86 -27.09
C GLY C 7 5.05 12.67 -25.64
N ILE C 8 5.91 11.99 -24.88
CA ILE C 8 5.62 11.73 -23.47
C ILE C 8 5.69 12.99 -22.62
N VAL C 9 5.08 12.93 -21.44
CA VAL C 9 5.10 14.05 -20.50
C VAL C 9 6.43 14.01 -19.74
N GLY D 1 15.68 -26.14 38.96
CA GLY D 1 16.44 -26.56 37.74
C GLY D 1 17.79 -25.88 37.68
N SER D 2 18.48 -26.03 36.54
CA SER D 2 19.79 -25.43 36.33
C SER D 2 19.70 -23.91 36.18
N HIS D 3 20.81 -23.24 36.44
CA HIS D 3 20.87 -21.78 36.35
C HIS D 3 22.25 -21.33 35.89
N SER D 4 22.34 -20.10 35.40
CA SER D 4 23.60 -19.56 34.95
C SER D 4 23.64 -18.05 35.10
N MET D 5 24.86 -17.52 35.13
CA MET D 5 25.07 -16.08 35.19
C MET D 5 26.16 -15.78 34.18
N ARG D 6 25.92 -14.81 33.30
CA ARG D 6 26.96 -14.47 32.35
C ARG D 6 27.00 -13.02 31.94
N TYR D 7 28.22 -12.56 31.68
CA TYR D 7 28.47 -11.19 31.27
C TYR D 7 28.90 -11.17 29.80
N PHE D 8 28.28 -10.27 29.03
CA PHE D 8 28.57 -10.12 27.61
C PHE D 8 29.18 -8.73 27.38
N PHE D 9 30.32 -8.71 26.70
CA PHE D 9 31.02 -7.46 26.42
C PHE D 9 31.29 -7.29 24.94
N THR D 10 30.90 -6.14 24.40
CA THR D 10 31.12 -5.83 23.01
C THR D 10 31.90 -4.53 22.88
N SER D 11 32.99 -4.57 22.14
CA SER D 11 33.83 -3.41 21.93
C SER D 11 33.94 -3.20 20.42
N VAL D 12 33.68 -1.99 19.97
CA VAL D 12 33.74 -1.68 18.54
C VAL D 12 34.55 -0.41 18.29
N SER D 13 35.65 -0.54 17.54
CA SER D 13 36.48 0.63 17.24
C SER D 13 35.76 1.59 16.29
N ARG D 14 36.03 2.88 16.46
CA ARG D 14 35.44 3.92 15.64
C ARG D 14 36.52 4.85 15.12
N PRO D 15 37.28 4.40 14.11
CA PRO D 15 38.38 5.13 13.47
C PRO D 15 38.02 6.57 13.08
N GLY D 16 38.76 7.52 13.63
CA GLY D 16 38.52 8.91 13.33
C GLY D 16 37.22 9.46 13.89
N ARG D 17 36.49 8.62 14.63
CA ARG D 17 35.22 9.05 15.20
C ARG D 17 35.28 9.02 16.73
N GLY D 18 36.50 9.14 17.26
CA GLY D 18 36.67 9.15 18.70
C GLY D 18 36.88 7.82 19.39
N GLU D 19 36.44 7.76 20.63
CA GLU D 19 36.56 6.57 21.47
C GLU D 19 35.79 5.35 20.96
N PRO D 20 36.30 4.14 21.26
CA PRO D 20 35.65 2.90 20.84
C PRO D 20 34.34 2.71 21.61
N ARG D 21 33.33 2.15 20.98
CA ARG D 21 32.06 1.90 21.64
C ARG D 21 32.22 0.68 22.53
N PHE D 22 31.73 0.75 23.76
CA PHE D 22 31.82 -0.37 24.68
C PHE D 22 30.49 -0.63 25.38
N ILE D 23 30.01 -1.86 25.30
CA ILE D 23 28.74 -2.21 25.95
C ILE D 23 28.85 -3.51 26.72
N ALA D 24 28.39 -3.47 27.96
CA ALA D 24 28.41 -4.66 28.82
C ALA D 24 27.02 -4.90 29.37
N VAL D 25 26.63 -6.17 29.45
CA VAL D 25 25.34 -6.56 30.01
C VAL D 25 25.53 -7.83 30.80
N GLY D 26 24.74 -7.97 31.86
CA GLY D 26 24.82 -9.14 32.70
C GLY D 26 23.48 -9.84 32.70
N TYR D 27 23.49 -11.17 32.73
CA TYR D 27 22.26 -11.93 32.75
C TYR D 27 22.31 -13.02 33.81
N VAL D 28 21.13 -13.36 34.33
CA VAL D 28 21.00 -14.49 35.24
C VAL D 28 19.99 -15.27 34.41
N ASP D 29 20.40 -16.44 33.92
CA ASP D 29 19.54 -17.23 33.05
C ASP D 29 19.15 -16.32 31.88
N ASP D 30 17.86 -16.13 31.64
CA ASP D 30 17.41 -15.28 30.53
C ASP D 30 16.94 -13.88 30.94
N THR D 31 17.30 -13.47 32.15
CA THR D 31 16.90 -12.14 32.62
C THR D 31 18.13 -11.25 32.76
N GLN D 32 18.14 -10.12 32.06
CA GLN D 32 19.23 -9.16 32.12
C GLN D 32 19.06 -8.39 33.42
N PHE D 33 20.17 -8.08 34.11
CA PHE D 33 20.06 -7.32 35.36
C PHE D 33 20.92 -6.07 35.48
N VAL D 34 21.95 -5.94 34.64
CA VAL D 34 22.80 -4.74 34.65
C VAL D 34 23.27 -4.42 33.23
N ARG D 35 23.74 -3.19 33.05
CA ARG D 35 24.27 -2.76 31.77
C ARG D 35 25.22 -1.58 31.96
N PHE D 36 26.05 -1.36 30.95
CA PHE D 36 26.98 -0.25 30.93
C PHE D 36 27.12 0.13 29.47
N ASP D 37 26.94 1.41 29.18
CA ASP D 37 27.08 1.87 27.81
C ASP D 37 28.06 3.04 27.79
N SER D 38 29.21 2.82 27.17
CA SER D 38 30.25 3.84 27.09
C SER D 38 29.74 5.17 26.53
N ASP D 39 28.69 5.12 25.70
CA ASP D 39 28.14 6.33 25.11
C ASP D 39 27.01 6.97 25.94
N ALA D 40 26.64 6.32 27.03
CA ALA D 40 25.58 6.83 27.89
C ALA D 40 26.09 7.96 28.78
N ALA D 41 25.17 8.79 29.24
CA ALA D 41 25.52 9.94 30.06
C ALA D 41 26.02 9.65 31.48
N SER D 42 25.45 8.65 32.14
CA SER D 42 25.82 8.31 33.52
C SER D 42 27.24 7.80 33.73
N GLN D 43 27.73 7.03 32.77
CA GLN D 43 29.06 6.44 32.87
C GLN D 43 29.11 5.54 34.09
N ARG D 44 28.00 4.85 34.35
CA ARG D 44 27.92 3.94 35.49
C ARG D 44 27.23 2.64 35.15
N MET D 45 27.50 1.61 35.94
CA MET D 45 26.84 0.33 35.76
C MET D 45 25.40 0.65 36.17
N GLU D 46 24.42 0.14 35.42
CA GLU D 46 23.03 0.43 35.74
C GLU D 46 22.17 -0.81 35.91
N PRO D 47 21.14 -0.72 36.77
CA PRO D 47 20.23 -1.83 37.03
C PRO D 47 19.23 -2.01 35.90
N ARG D 48 18.94 -3.26 35.52
CA ARG D 48 17.97 -3.53 34.46
C ARG D 48 16.91 -4.52 34.93
N ALA D 49 16.97 -4.87 36.21
CA ALA D 49 15.99 -5.79 36.82
C ALA D 49 15.63 -5.23 38.19
N PRO D 50 14.35 -5.28 38.56
CA PRO D 50 13.92 -4.75 39.85
C PRO D 50 14.66 -5.32 41.05
N TRP D 51 14.88 -6.63 41.03
CA TRP D 51 15.54 -7.28 42.14
C TRP D 51 17.01 -6.91 42.37
N ILE D 52 17.62 -6.18 41.45
CA ILE D 52 19.02 -5.80 41.65
C ILE D 52 19.10 -4.37 42.18
N GLU D 53 18.00 -3.65 42.05
CA GLU D 53 17.93 -2.26 42.50
C GLU D 53 18.14 -2.10 44.01
N GLN D 54 17.91 -3.17 44.78
CA GLN D 54 18.08 -3.13 46.22
C GLN D 54 19.52 -3.10 46.68
N GLU D 55 20.45 -3.48 45.80
CA GLU D 55 21.86 -3.45 46.15
C GLU D 55 22.20 -2.00 46.47
N GLY D 56 23.03 -1.78 47.48
CA GLY D 56 23.37 -0.42 47.87
C GLY D 56 24.39 0.26 46.97
N PRO D 57 24.78 1.50 47.31
CA PRO D 57 25.77 2.25 46.51
C PRO D 57 27.13 1.57 46.44
N GLU D 58 27.45 0.76 47.45
CA GLU D 58 28.72 0.06 47.47
C GLU D 58 28.78 -0.87 46.25
N TYR D 59 27.66 -1.50 45.93
CA TYR D 59 27.59 -2.42 44.79
C TYR D 59 27.72 -1.68 43.47
N TRP D 60 26.95 -0.60 43.32
CA TRP D 60 27.01 0.16 42.08
C TRP D 60 28.32 0.89 41.88
N ASP D 61 28.91 1.43 42.95
CA ASP D 61 30.19 2.11 42.83
C ASP D 61 31.25 1.09 42.42
N GLY D 62 31.21 -0.07 43.07
CA GLY D 62 32.18 -1.11 42.77
C GLY D 62 32.07 -1.66 41.35
N GLU D 63 30.87 -2.04 40.94
CA GLU D 63 30.68 -2.58 39.60
C GLU D 63 30.93 -1.55 38.51
N THR D 64 30.71 -0.28 38.83
CA THR D 64 30.95 0.78 37.85
C THR D 64 32.46 0.86 37.63
N ARG D 65 33.21 0.79 38.72
CA ARG D 65 34.67 0.84 38.67
C ARG D 65 35.24 -0.35 37.90
N LYS D 66 34.78 -1.56 38.21
CA LYS D 66 35.30 -2.74 37.53
C LYS D 66 34.91 -2.81 36.05
N VAL D 67 33.70 -2.35 35.72
CA VAL D 67 33.26 -2.39 34.33
C VAL D 67 34.05 -1.39 33.49
N LYS D 68 34.48 -0.29 34.13
CA LYS D 68 35.27 0.71 33.44
C LYS D 68 36.66 0.11 33.18
N ALA D 69 37.11 -0.74 34.10
CA ALA D 69 38.42 -1.38 33.95
C ALA D 69 38.35 -2.31 32.74
N HIS D 70 37.21 -2.98 32.58
CA HIS D 70 36.99 -3.88 31.45
C HIS D 70 37.03 -3.05 30.17
N SER D 71 36.36 -1.90 30.21
CA SER D 71 36.30 -1.01 29.06
C SER D 71 37.70 -0.65 28.58
N GLN D 72 38.56 -0.31 29.53
CA GLN D 72 39.92 0.08 29.19
C GLN D 72 40.71 -1.09 28.61
N THR D 73 40.50 -2.28 29.16
CA THR D 73 41.20 -3.45 28.67
C THR D 73 40.86 -3.70 27.21
N HIS D 74 39.58 -3.61 26.85
CA HIS D 74 39.16 -3.83 25.48
C HIS D 74 39.56 -2.72 24.54
N ARG D 75 39.87 -1.55 25.10
CA ARG D 75 40.29 -0.42 24.29
C ARG D 75 41.75 -0.68 23.91
N VAL D 76 42.49 -1.34 24.80
CA VAL D 76 43.87 -1.68 24.54
C VAL D 76 43.89 -2.88 23.59
N ASP D 77 42.96 -3.79 23.82
CA ASP D 77 42.87 -4.99 22.98
C ASP D 77 42.67 -4.67 21.51
N LEU D 78 41.79 -3.71 21.23
CA LEU D 78 41.51 -3.34 19.85
C LEU D 78 42.79 -2.98 19.10
N GLY D 79 43.64 -2.19 19.74
CA GLY D 79 44.90 -1.80 19.13
C GLY D 79 45.87 -2.95 18.97
N THR D 80 45.94 -3.81 19.98
CA THR D 80 46.83 -4.95 19.95
C THR D 80 46.47 -5.87 18.78
N LEU D 81 45.21 -6.31 18.74
CA LEU D 81 44.73 -7.18 17.68
C LEU D 81 44.97 -6.56 16.31
N ARG D 82 44.76 -5.25 16.20
CA ARG D 82 44.97 -4.55 14.94
C ARG D 82 46.43 -4.81 14.54
N GLY D 83 47.32 -4.81 15.53
CA GLY D 83 48.72 -5.05 15.29
C GLY D 83 49.02 -6.51 14.95
N TYR D 84 48.44 -7.44 15.70
CA TYR D 84 48.65 -8.86 15.48
C TYR D 84 48.34 -9.29 14.05
N TYR D 85 47.27 -8.75 13.49
CA TYR D 85 46.86 -9.11 12.13
C TYR D 85 47.23 -8.06 11.09
N ASN D 86 48.14 -7.15 11.44
CA ASN D 86 48.58 -6.10 10.54
C ASN D 86 47.40 -5.52 9.74
N GLN D 87 46.50 -4.84 10.43
CA GLN D 87 45.33 -4.25 9.77
C GLN D 87 45.38 -2.75 9.72
N SER D 88 44.68 -2.17 8.75
CA SER D 88 44.62 -0.72 8.60
C SER D 88 44.01 -0.08 9.83
N GLU D 89 44.53 1.08 10.22
CA GLU D 89 44.01 1.77 11.39
C GLU D 89 42.75 2.55 11.02
N ALA D 90 42.25 2.33 9.82
CA ALA D 90 41.06 3.05 9.37
C ALA D 90 39.77 2.24 9.49
N GLY D 91 39.88 0.91 9.43
CA GLY D 91 38.71 0.07 9.51
C GLY D 91 38.18 -0.16 10.90
N SER D 92 36.89 -0.46 10.98
CA SER D 92 36.24 -0.73 12.25
C SER D 92 36.32 -2.22 12.55
N HIS D 93 36.61 -2.56 13.81
CA HIS D 93 36.72 -3.94 14.21
C HIS D 93 35.93 -4.23 15.49
N THR D 94 35.65 -5.50 15.71
CA THR D 94 34.87 -5.91 16.87
C THR D 94 35.50 -6.99 17.74
N VAL D 95 35.47 -6.78 19.04
CA VAL D 95 35.96 -7.78 19.96
C VAL D 95 34.76 -8.04 20.91
N GLN D 96 34.55 -9.31 21.23
CA GLN D 96 33.47 -9.69 22.12
C GLN D 96 34.06 -10.62 23.18
N ARG D 97 33.53 -10.55 24.38
CA ARG D 97 33.98 -11.39 25.47
C ARG D 97 32.76 -11.87 26.25
N MET D 98 32.77 -13.14 26.63
CA MET D 98 31.67 -13.69 27.39
C MET D 98 32.24 -14.61 28.45
N TYR D 99 31.75 -14.48 29.69
CA TYR D 99 32.20 -15.34 30.75
C TYR D 99 31.12 -15.53 31.78
N GLY D 100 31.15 -16.67 32.45
CA GLY D 100 30.15 -16.96 33.46
C GLY D 100 30.21 -18.37 33.96
N CYS D 101 29.23 -18.73 34.76
CA CYS D 101 29.18 -20.04 35.37
C CYS D 101 27.79 -20.68 35.33
N ASP D 102 27.75 -22.01 35.33
CA ASP D 102 26.49 -22.74 35.36
C ASP D 102 26.47 -23.50 36.69
N VAL D 103 25.29 -23.62 37.30
CA VAL D 103 25.13 -24.40 38.52
C VAL D 103 24.01 -25.38 38.22
N GLY D 104 24.07 -26.57 38.83
CA GLY D 104 23.04 -27.56 38.59
C GLY D 104 21.77 -27.21 39.33
N SER D 105 20.83 -28.15 39.34
CA SER D 105 19.55 -27.94 40.02
C SER D 105 19.80 -27.90 41.52
N ASP D 106 21.01 -28.29 41.92
CA ASP D 106 21.40 -28.27 43.32
C ASP D 106 22.20 -27.01 43.65
N TRP D 107 22.19 -26.05 42.73
CA TRP D 107 22.90 -24.80 42.88
C TRP D 107 24.40 -24.97 43.08
N ARG D 108 24.91 -26.14 42.76
CA ARG D 108 26.34 -26.39 42.89
C ARG D 108 27.03 -26.19 41.54
N PHE D 109 28.26 -25.71 41.57
CA PHE D 109 29.05 -25.47 40.37
C PHE D 109 29.03 -26.60 39.33
N LEU D 110 28.57 -26.28 38.13
CA LEU D 110 28.48 -27.25 37.04
C LEU D 110 29.61 -27.02 36.02
N ARG D 111 29.82 -25.76 35.61
CA ARG D 111 30.90 -25.44 34.67
C ARG D 111 31.17 -23.93 34.56
N GLY D 112 32.35 -23.59 34.05
CA GLY D 112 32.72 -22.19 33.89
C GLY D 112 33.12 -21.89 32.45
N TYR D 113 32.92 -20.64 32.03
CA TYR D 113 33.25 -20.21 30.67
C TYR D 113 33.96 -18.87 30.64
N HIS D 114 34.80 -18.71 29.62
CA HIS D 114 35.50 -17.45 29.36
C HIS D 114 35.96 -17.53 27.91
N GLN D 115 35.18 -16.94 27.02
CA GLN D 115 35.46 -16.96 25.59
C GLN D 115 35.72 -15.57 25.03
N TYR D 116 36.50 -15.52 23.95
CA TYR D 116 36.85 -14.25 23.34
C TYR D 116 36.77 -14.40 21.83
N ALA D 117 36.32 -13.37 21.14
CA ALA D 117 36.19 -13.41 19.69
C ALA D 117 36.62 -12.10 19.07
N TYR D 118 37.18 -12.18 17.87
CA TYR D 118 37.62 -10.99 17.15
C TYR D 118 36.92 -10.99 15.80
N ASP D 119 36.16 -9.93 15.55
CA ASP D 119 35.40 -9.78 14.33
C ASP D 119 34.46 -10.96 14.08
N GLY D 120 33.80 -11.43 15.15
CA GLY D 120 32.84 -12.52 15.04
C GLY D 120 33.38 -13.94 14.96
N LYS D 121 34.69 -14.09 15.02
CA LYS D 121 35.32 -15.41 14.93
C LYS D 121 35.98 -15.79 16.25
N ASP D 122 35.84 -17.06 16.64
CA ASP D 122 36.47 -17.57 17.86
C ASP D 122 37.92 -17.10 17.82
N TYR D 123 38.43 -16.62 18.95
CA TYR D 123 39.81 -16.17 19.05
C TYR D 123 40.52 -17.00 20.10
N ILE D 124 40.03 -16.95 21.34
CA ILE D 124 40.61 -17.74 22.41
C ILE D 124 39.53 -18.05 23.44
N ALA D 125 39.59 -19.25 24.00
CA ALA D 125 38.60 -19.67 24.97
C ALA D 125 39.25 -20.52 26.06
N LEU D 126 38.67 -20.48 27.25
CA LEU D 126 39.18 -21.27 28.36
C LEU D 126 38.52 -22.64 28.25
N LYS D 127 39.32 -23.70 28.30
CA LYS D 127 38.76 -25.05 28.22
C LYS D 127 37.99 -25.35 29.49
N GLU D 128 37.13 -26.37 29.44
CA GLU D 128 36.31 -26.72 30.59
C GLU D 128 37.08 -27.08 31.86
N ASP D 129 38.33 -27.53 31.73
CA ASP D 129 39.11 -27.86 32.92
C ASP D 129 39.61 -26.59 33.61
N LEU D 130 39.26 -25.44 33.05
CA LEU D 130 39.64 -24.14 33.60
C LEU D 130 41.14 -24.04 33.91
N ARG D 131 41.95 -24.76 33.14
CA ARG D 131 43.40 -24.73 33.34
C ARG D 131 44.16 -24.56 32.03
N SER D 132 43.49 -24.76 30.91
CA SER D 132 44.13 -24.63 29.60
C SER D 132 43.32 -23.79 28.61
N TRP D 133 43.97 -23.39 27.52
CA TRP D 133 43.32 -22.55 26.52
C TRP D 133 43.27 -23.10 25.11
N THR D 134 42.27 -22.63 24.37
CA THR D 134 42.06 -23.00 22.97
C THR D 134 42.37 -21.76 22.14
N ALA D 135 43.48 -21.79 21.42
CA ALA D 135 43.88 -20.66 20.58
C ALA D 135 43.47 -20.94 19.13
N ALA D 136 42.67 -20.04 18.57
CA ALA D 136 42.20 -20.19 17.20
C ALA D 136 43.32 -20.20 16.16
N ASP D 137 44.21 -19.21 16.21
CA ASP D 137 45.30 -19.13 15.24
C ASP D 137 46.63 -18.77 15.87
N MET D 138 47.54 -18.25 15.06
CA MET D 138 48.87 -17.85 15.52
C MET D 138 48.77 -16.64 16.45
N ALA D 139 47.95 -15.66 16.08
CA ALA D 139 47.78 -14.48 16.91
C ALA D 139 47.23 -14.88 18.28
N ALA D 140 46.28 -15.82 18.27
CA ALA D 140 45.68 -16.29 19.50
C ALA D 140 46.68 -17.04 20.36
N GLN D 141 47.62 -17.73 19.74
CA GLN D 141 48.63 -18.47 20.49
C GLN D 141 49.54 -17.51 21.23
N THR D 142 49.77 -16.34 20.64
CA THR D 142 50.61 -15.32 21.26
C THR D 142 49.89 -14.83 22.52
N THR D 143 48.57 -14.69 22.44
CA THR D 143 47.80 -14.25 23.59
C THR D 143 47.74 -15.38 24.63
N LYS D 144 47.71 -16.62 24.14
CA LYS D 144 47.66 -17.79 24.99
C LYS D 144 48.91 -17.87 25.86
N HIS D 145 50.08 -17.68 25.25
CA HIS D 145 51.35 -17.73 25.98
C HIS D 145 51.39 -16.62 27.03
N LYS D 146 50.94 -15.44 26.63
CA LYS D 146 50.92 -14.32 27.55
C LYS D 146 50.05 -14.65 28.76
N TRP D 147 48.85 -15.17 28.51
CA TRP D 147 47.94 -15.50 29.58
C TRP D 147 48.45 -16.65 30.44
N GLU D 148 49.22 -17.53 29.84
CA GLU D 148 49.78 -18.65 30.60
C GLU D 148 50.83 -18.08 31.55
N ALA D 149 51.70 -17.23 31.02
CA ALA D 149 52.77 -16.63 31.81
C ALA D 149 52.24 -15.82 32.98
N ALA D 150 51.10 -15.18 32.79
CA ALA D 150 50.51 -14.35 33.83
C ALA D 150 49.54 -15.15 34.71
N HIS D 151 49.48 -16.47 34.51
CA HIS D 151 48.60 -17.31 35.33
C HIS D 151 47.19 -16.77 35.37
N VAL D 152 46.65 -16.44 34.21
CA VAL D 152 45.30 -15.92 34.09
C VAL D 152 44.25 -16.98 34.33
N ALA D 153 44.50 -18.18 33.81
CA ALA D 153 43.54 -19.28 33.97
C ALA D 153 43.26 -19.54 35.45
N GLU D 154 44.29 -19.51 36.27
CA GLU D 154 44.13 -19.76 37.70
C GLU D 154 43.24 -18.73 38.36
N GLN D 155 43.42 -17.46 37.99
CA GLN D 155 42.60 -16.41 38.57
C GLN D 155 41.16 -16.57 38.10
N LEU D 156 41.00 -17.06 36.87
CA LEU D 156 39.67 -17.27 36.33
C LEU D 156 38.89 -18.41 36.95
N ARG D 157 39.55 -19.53 37.28
CA ARG D 157 38.79 -20.63 37.90
C ARG D 157 38.34 -20.27 39.31
N ALA D 158 39.15 -19.49 40.01
CA ALA D 158 38.80 -19.07 41.36
C ALA D 158 37.54 -18.21 41.29
N TYR D 159 37.48 -17.31 40.31
CA TYR D 159 36.31 -16.46 40.17
C TYR D 159 35.10 -17.28 39.71
N LEU D 160 35.31 -18.10 38.70
CA LEU D 160 34.25 -18.95 38.15
C LEU D 160 33.68 -19.99 39.11
N GLU D 161 34.54 -20.59 39.93
CA GLU D 161 34.07 -21.60 40.87
C GLU D 161 33.68 -21.03 42.22
N GLY D 162 34.14 -19.82 42.51
CA GLY D 162 33.80 -19.21 43.79
C GLY D 162 32.83 -18.05 43.63
N THR D 163 33.38 -16.86 43.50
CA THR D 163 32.62 -15.64 43.36
C THR D 163 31.41 -15.77 42.41
N CYS D 164 31.65 -16.27 41.20
CA CYS D 164 30.57 -16.40 40.23
C CYS D 164 29.36 -17.19 40.75
N VAL D 165 29.61 -18.38 41.28
CA VAL D 165 28.54 -19.23 41.82
C VAL D 165 27.92 -18.62 43.07
N GLU D 166 28.74 -18.00 43.92
CA GLU D 166 28.25 -17.39 45.15
C GLU D 166 27.26 -16.25 44.88
N TRP D 167 27.61 -15.35 43.95
CA TRP D 167 26.71 -14.24 43.65
C TRP D 167 25.51 -14.68 42.83
N LEU D 168 25.66 -15.72 42.03
CA LEU D 168 24.53 -16.23 41.25
C LEU D 168 23.48 -16.65 42.28
N ARG D 169 23.88 -17.46 43.25
CA ARG D 169 22.97 -17.91 44.30
C ARG D 169 22.32 -16.74 45.00
N ARG D 170 23.13 -15.75 45.37
CA ARG D 170 22.60 -14.56 46.02
C ARG D 170 21.53 -13.93 45.14
N TYR D 171 21.83 -13.79 43.85
CA TYR D 171 20.88 -13.20 42.91
C TYR D 171 19.62 -14.04 42.82
N LEU D 172 19.78 -15.36 42.74
CA LEU D 172 18.62 -16.25 42.64
C LEU D 172 17.74 -16.05 43.86
N GLU D 173 18.36 -15.91 45.03
CA GLU D 173 17.62 -15.69 46.27
C GLU D 173 16.93 -14.32 46.27
N ASN D 174 17.72 -13.25 46.12
CA ASN D 174 17.14 -11.90 46.15
C ASN D 174 16.04 -11.77 45.12
N GLY D 175 16.19 -12.46 44.00
CA GLY D 175 15.19 -12.39 42.96
C GLY D 175 14.31 -13.62 42.87
N LYS D 176 14.12 -14.33 43.97
CA LYS D 176 13.28 -15.54 43.98
C LYS D 176 12.05 -15.41 43.09
N GLU D 177 11.24 -14.39 43.34
CA GLU D 177 10.01 -14.17 42.58
C GLU D 177 10.15 -14.13 41.06
N THR D 178 11.23 -13.52 40.58
CA THR D 178 11.47 -13.40 39.15
C THR D 178 12.24 -14.61 38.62
N LEU D 179 13.52 -14.67 38.98
CA LEU D 179 14.41 -15.75 38.56
C LEU D 179 13.98 -17.19 38.84
N GLN D 180 13.37 -17.42 39.99
CA GLN D 180 12.96 -18.79 40.33
C GLN D 180 11.54 -19.16 39.90
N ARG D 181 10.95 -18.39 38.99
CA ARG D 181 9.60 -18.69 38.54
C ARG D 181 9.68 -19.50 37.25
N THR D 182 8.62 -20.24 36.96
CA THR D 182 8.58 -21.01 35.73
C THR D 182 7.21 -20.70 35.16
N ASP D 183 7.18 -19.75 34.21
CA ASP D 183 5.94 -19.31 33.52
C ASP D 183 5.55 -20.18 32.33
N ALA D 184 4.42 -20.86 32.43
CA ALA D 184 3.95 -21.74 31.36
C ALA D 184 3.48 -20.95 30.15
N PRO D 185 3.70 -21.49 28.95
CA PRO D 185 3.27 -20.79 27.75
C PRO D 185 1.77 -20.76 27.55
N LYS D 186 1.25 -19.61 27.20
CA LYS D 186 -0.17 -19.47 26.89
C LYS D 186 -0.19 -19.89 25.42
N THR D 187 -0.98 -20.89 25.07
CA THR D 187 -1.00 -21.34 23.69
C THR D 187 -2.35 -21.26 23.00
N HIS D 188 -2.30 -21.16 21.68
CA HIS D 188 -3.50 -21.13 20.85
C HIS D 188 -3.08 -21.44 19.43
N MET D 189 -4.06 -21.61 18.57
CA MET D 189 -3.80 -21.96 17.19
C MET D 189 -4.58 -21.04 16.24
N THR D 190 -4.00 -20.74 15.09
CA THR D 190 -4.68 -19.91 14.10
C THR D 190 -4.84 -20.74 12.84
N HIS D 191 -5.80 -20.34 12.01
CA HIS D 191 -6.09 -21.04 10.77
C HIS D 191 -6.38 -19.99 9.71
N HIS D 192 -5.63 -20.02 8.62
CA HIS D 192 -5.84 -19.06 7.56
C HIS D 192 -5.79 -19.77 6.22
N ALA D 193 -6.86 -19.63 5.45
CA ALA D 193 -6.93 -20.28 4.15
C ALA D 193 -6.18 -19.50 3.08
N VAL D 194 -4.97 -19.94 2.77
CA VAL D 194 -4.16 -19.29 1.77
C VAL D 194 -4.82 -19.38 0.40
N SER D 195 -5.39 -20.54 0.10
CA SER D 195 -6.07 -20.77 -1.18
C SER D 195 -7.33 -21.62 -0.97
N ASP D 196 -7.99 -22.00 -2.07
CA ASP D 196 -9.19 -22.84 -1.94
C ASP D 196 -8.87 -24.31 -1.75
N HIS D 197 -7.61 -24.64 -1.44
CA HIS D 197 -7.24 -26.03 -1.18
C HIS D 197 -6.04 -26.15 -0.23
N GLU D 198 -5.69 -25.04 0.42
CA GLU D 198 -4.58 -25.03 1.36
C GLU D 198 -4.74 -24.02 2.48
N ALA D 199 -4.40 -24.46 3.68
CA ALA D 199 -4.50 -23.60 4.84
C ALA D 199 -3.23 -23.69 5.67
N THR D 200 -2.86 -22.56 6.27
CA THR D 200 -1.68 -22.52 7.10
C THR D 200 -2.11 -22.63 8.55
N LEU D 201 -1.55 -23.61 9.23
CA LEU D 201 -1.88 -23.83 10.63
C LEU D 201 -0.72 -23.29 11.44
N ARG D 202 -1.02 -22.35 12.35
CA ARG D 202 0.03 -21.77 13.19
C ARG D 202 -0.21 -22.05 14.67
N CYS D 203 0.78 -22.65 15.32
CA CYS D 203 0.70 -22.99 16.73
C CYS D 203 1.47 -21.95 17.54
N TRP D 204 0.77 -21.24 18.41
CA TRP D 204 1.38 -20.20 19.22
C TRP D 204 1.73 -20.55 20.66
N ALA D 205 2.91 -20.08 21.10
CA ALA D 205 3.37 -20.22 22.47
C ALA D 205 3.70 -18.79 22.93
N LEU D 206 2.97 -18.29 23.92
CA LEU D 206 3.17 -16.91 24.38
C LEU D 206 3.35 -16.72 25.89
N SER D 207 4.05 -15.66 26.27
CA SER D 207 4.29 -15.29 27.67
C SER D 207 4.94 -16.37 28.53
N PHE D 208 5.95 -17.04 27.99
CA PHE D 208 6.61 -18.08 28.76
C PHE D 208 8.02 -17.69 29.16
N TYR D 209 8.47 -18.28 30.26
CA TYR D 209 9.81 -18.08 30.79
C TYR D 209 10.13 -19.39 31.49
N PRO D 210 11.36 -19.91 31.31
CA PRO D 210 12.45 -19.34 30.49
C PRO D 210 12.26 -19.59 28.99
N ALA D 211 13.15 -19.02 28.19
CA ALA D 211 13.09 -19.10 26.74
C ALA D 211 13.12 -20.50 26.10
N GLU D 212 13.81 -21.44 26.72
CA GLU D 212 13.89 -22.81 26.21
C GLU D 212 12.49 -23.42 26.04
N ILE D 213 12.18 -23.87 24.83
CA ILE D 213 10.88 -24.46 24.55
C ILE D 213 10.96 -25.33 23.29
N THR D 214 10.10 -26.35 23.20
CA THR D 214 10.06 -27.22 22.03
C THR D 214 8.63 -27.18 21.48
N LEU D 215 8.50 -26.72 20.25
CA LEU D 215 7.21 -26.56 19.57
C LEU D 215 7.28 -27.35 18.25
N THR D 216 6.58 -28.48 18.15
CA THR D 216 6.62 -29.25 16.90
C THR D 216 5.25 -29.67 16.37
N TRP D 217 5.18 -29.96 15.08
CA TRP D 217 3.94 -30.40 14.47
C TRP D 217 4.08 -31.87 14.11
N GLN D 218 2.96 -32.60 14.13
CA GLN D 218 2.95 -34.01 13.76
C GLN D 218 1.74 -34.28 12.87
N ARG D 219 1.88 -35.24 11.96
CA ARG D 219 0.80 -35.66 11.06
C ARG D 219 0.70 -37.15 11.30
N ASP D 220 -0.46 -37.61 11.74
CA ASP D 220 -0.64 -39.03 12.05
C ASP D 220 0.48 -39.46 12.98
N GLY D 221 0.90 -38.55 13.86
CA GLY D 221 1.96 -38.88 14.80
C GLY D 221 3.37 -38.84 14.22
N GLU D 222 3.50 -38.45 12.95
CA GLU D 222 4.82 -38.37 12.31
C GLU D 222 5.33 -36.92 12.40
N ASP D 223 6.48 -36.71 13.03
CA ASP D 223 7.04 -35.36 13.11
C ASP D 223 7.13 -34.79 11.69
N GLN D 224 6.75 -33.54 11.53
CA GLN D 224 6.79 -32.84 10.26
C GLN D 224 7.98 -31.90 10.27
N THR D 225 9.14 -32.46 10.59
CA THR D 225 10.39 -31.72 10.69
C THR D 225 10.68 -30.71 9.60
N GLN D 226 10.74 -31.19 8.36
CA GLN D 226 11.07 -30.32 7.24
C GLN D 226 9.94 -29.50 6.63
N ASP D 227 8.70 -29.80 6.99
CA ASP D 227 7.61 -29.06 6.43
C ASP D 227 6.99 -28.09 7.45
N THR D 228 7.75 -27.81 8.50
CA THR D 228 7.28 -26.88 9.52
C THR D 228 8.08 -25.59 9.42
N GLU D 229 7.39 -24.45 9.46
CA GLU D 229 8.09 -23.18 9.44
C GLU D 229 8.23 -22.82 10.91
N LEU D 230 9.47 -22.70 11.36
CA LEU D 230 9.73 -22.42 12.76
C LEU D 230 10.40 -21.06 12.90
N VAL D 231 9.87 -20.18 13.74
CA VAL D 231 10.50 -18.87 13.94
C VAL D 231 11.39 -18.90 15.17
N GLU D 232 12.38 -18.02 15.19
CA GLU D 232 13.29 -17.92 16.31
C GLU D 232 12.51 -17.46 17.56
N THR D 233 12.84 -18.03 18.72
CA THR D 233 12.17 -17.62 19.96
C THR D 233 12.54 -16.15 20.18
N ARG D 234 11.52 -15.30 20.36
CA ARG D 234 11.70 -13.86 20.51
C ARG D 234 11.18 -13.31 21.83
N PRO D 235 11.70 -12.14 22.24
CA PRO D 235 11.28 -11.50 23.48
C PRO D 235 10.04 -10.64 23.31
N ALA D 236 9.16 -10.66 24.29
CA ALA D 236 7.95 -9.84 24.23
C ALA D 236 8.27 -8.40 24.69
N GLY D 237 9.28 -8.25 25.54
CA GLY D 237 9.62 -6.93 26.00
C GLY D 237 9.28 -6.71 27.46
N ASP D 238 8.62 -7.70 28.05
CA ASP D 238 8.20 -7.66 29.44
C ASP D 238 8.89 -8.79 30.21
N GLY D 239 9.87 -9.42 29.58
CA GLY D 239 10.55 -10.50 30.25
C GLY D 239 10.06 -11.86 29.83
N THR D 240 9.03 -11.93 29.01
CA THR D 240 8.57 -13.23 28.53
C THR D 240 8.99 -13.41 27.08
N PHE D 241 8.86 -14.63 26.57
CA PHE D 241 9.24 -14.93 25.21
C PHE D 241 8.04 -15.42 24.40
N GLN D 242 8.24 -15.54 23.10
CA GLN D 242 7.19 -15.99 22.19
C GLN D 242 7.83 -16.85 21.12
N LYS D 243 7.01 -17.70 20.49
CA LYS D 243 7.49 -18.58 19.43
C LYS D 243 6.28 -19.22 18.78
N TRP D 244 6.40 -19.56 17.50
CA TRP D 244 5.30 -20.26 16.83
C TRP D 244 5.80 -21.17 15.72
N ALA D 245 5.04 -22.22 15.46
CA ALA D 245 5.38 -23.19 14.42
C ALA D 245 4.17 -23.30 13.50
N ALA D 246 4.40 -23.31 12.20
CA ALA D 246 3.30 -23.40 11.26
C ALA D 246 3.56 -24.41 10.15
N VAL D 247 2.48 -25.04 9.69
CA VAL D 247 2.56 -26.01 8.61
C VAL D 247 1.42 -25.68 7.66
N VAL D 248 1.65 -25.90 6.37
CA VAL D 248 0.63 -25.66 5.37
C VAL D 248 -0.06 -26.99 5.20
N VAL D 249 -1.35 -27.02 5.54
CA VAL D 249 -2.16 -28.24 5.49
C VAL D 249 -3.17 -28.25 4.34
N PRO D 250 -3.36 -29.41 3.70
CA PRO D 250 -4.31 -29.51 2.58
C PRO D 250 -5.71 -29.38 3.17
N SER D 251 -6.49 -28.41 2.69
CA SER D 251 -7.86 -28.21 3.18
C SER D 251 -8.56 -29.55 3.41
N GLY D 252 -9.14 -29.72 4.59
CA GLY D 252 -9.82 -30.98 4.88
C GLY D 252 -9.02 -31.95 5.74
N GLN D 253 -7.71 -31.75 5.88
CA GLN D 253 -6.88 -32.65 6.69
C GLN D 253 -6.49 -32.11 8.07
N GLU D 254 -7.03 -30.96 8.44
CA GLU D 254 -6.74 -30.35 9.74
C GLU D 254 -6.62 -31.37 10.86
N GLN D 255 -7.62 -32.25 10.95
CA GLN D 255 -7.67 -33.30 11.97
C GLN D 255 -6.49 -34.27 12.03
N ARG D 256 -5.67 -34.33 10.98
CA ARG D 256 -4.52 -35.23 10.97
C ARG D 256 -3.33 -34.66 11.75
N TYR D 257 -3.28 -33.35 11.91
CA TYR D 257 -2.18 -32.66 12.57
C TYR D 257 -2.31 -32.31 14.05
N THR D 258 -1.22 -32.49 14.79
CA THR D 258 -1.19 -32.16 16.21
C THR D 258 0.06 -31.32 16.53
N CYS D 259 -0.12 -30.33 17.38
CA CYS D 259 0.99 -29.47 17.78
C CYS D 259 1.39 -29.92 19.17
N HIS D 260 2.69 -30.11 19.36
CA HIS D 260 3.17 -30.55 20.66
C HIS D 260 4.06 -29.48 21.25
N VAL D 261 3.70 -29.03 22.45
CA VAL D 261 4.43 -27.99 23.15
C VAL D 261 5.11 -28.53 24.41
N GLN D 262 6.41 -28.31 24.52
CA GLN D 262 7.16 -28.74 25.68
C GLN D 262 7.84 -27.55 26.32
N HIS D 263 7.62 -27.40 27.62
CA HIS D 263 8.20 -26.31 28.38
C HIS D 263 8.28 -26.65 29.86
N GLU D 264 9.25 -26.07 30.56
CA GLU D 264 9.45 -26.35 31.98
C GLU D 264 8.24 -26.10 32.86
N GLY D 265 7.55 -24.98 32.64
CA GLY D 265 6.40 -24.65 33.46
C GLY D 265 5.07 -25.29 33.09
N LEU D 266 5.12 -26.44 32.41
CA LEU D 266 3.90 -27.13 32.02
C LEU D 266 3.75 -28.40 32.86
N PRO D 267 2.57 -28.60 33.45
CA PRO D 267 2.40 -29.81 34.27
C PRO D 267 2.78 -31.03 33.43
N LYS D 268 2.35 -31.03 32.18
CA LYS D 268 2.64 -32.11 31.24
C LYS D 268 2.70 -31.55 29.82
N PRO D 269 3.42 -32.24 28.92
CA PRO D 269 3.52 -31.78 27.53
C PRO D 269 2.12 -31.62 26.96
N LEU D 270 1.90 -30.52 26.24
CA LEU D 270 0.60 -30.25 25.64
C LEU D 270 0.54 -30.82 24.23
N THR D 271 -0.67 -31.17 23.83
CA THR D 271 -0.95 -31.69 22.50
C THR D 271 -2.18 -30.94 22.04
N LEU D 272 -1.98 -30.01 21.12
CA LEU D 272 -3.07 -29.22 20.57
C LEU D 272 -3.49 -29.79 19.22
N ARG D 273 -4.71 -29.49 18.82
CA ARG D 273 -5.23 -30.00 17.57
C ARG D 273 -6.33 -29.06 17.10
N TRP D 274 -6.35 -28.77 15.81
CA TRP D 274 -7.39 -27.90 15.29
C TRP D 274 -8.65 -28.75 15.10
N GLU D 275 -9.73 -28.36 15.77
CA GLU D 275 -10.98 -29.08 15.66
C GLU D 275 -12.13 -28.27 16.27
N MET E 1 36.11 -9.75 6.30
CA MET E 1 35.62 -10.10 7.66
C MET E 1 34.21 -10.64 7.61
N ILE E 2 33.84 -11.37 8.66
CA ILE E 2 32.52 -11.96 8.75
C ILE E 2 31.40 -10.94 8.72
N GLN E 3 30.36 -11.27 7.97
CA GLN E 3 29.18 -10.41 7.86
C GLN E 3 27.97 -11.33 7.82
N ARG E 4 27.09 -11.19 8.80
CA ARG E 4 25.88 -11.98 8.87
C ARG E 4 24.70 -11.03 8.80
N THR E 5 23.73 -11.38 7.95
CA THR E 5 22.56 -10.55 7.74
C THR E 5 21.55 -10.77 8.86
N PRO E 6 20.91 -9.70 9.32
CA PRO E 6 19.92 -9.75 10.39
C PRO E 6 18.60 -10.41 10.05
N LYS E 7 18.10 -11.20 10.97
CA LYS E 7 16.79 -11.80 10.79
C LYS E 7 15.91 -10.72 11.38
N ILE E 8 14.67 -10.61 10.90
CA ILE E 8 13.78 -9.58 11.36
C ILE E 8 12.38 -10.09 11.65
N GLN E 9 11.86 -9.74 12.82
CA GLN E 9 10.52 -10.11 13.21
C GLN E 9 9.85 -8.85 13.75
N VAL E 10 8.69 -8.53 13.21
CA VAL E 10 7.94 -7.37 13.64
C VAL E 10 6.64 -7.92 14.21
N TYR E 11 6.37 -7.60 15.47
CA TYR E 11 5.19 -8.11 16.15
C TYR E 11 4.84 -7.23 17.33
N SER E 12 3.71 -7.53 17.96
CA SER E 12 3.27 -6.78 19.12
C SER E 12 3.49 -7.62 20.38
N ARG E 13 3.64 -6.93 21.51
CA ARG E 13 3.87 -7.60 22.79
C ARG E 13 2.71 -8.46 23.22
N HIS E 14 1.50 -7.93 23.03
CA HIS E 14 0.26 -8.61 23.40
C HIS E 14 -0.54 -8.81 22.13
N PRO E 15 -1.48 -9.77 22.14
CA PRO E 15 -2.29 -9.97 20.93
C PRO E 15 -2.88 -8.62 20.56
N ALA E 16 -2.94 -8.32 19.27
CA ALA E 16 -3.47 -7.05 18.79
C ALA E 16 -4.99 -6.94 18.92
N GLU E 17 -5.44 -5.88 19.58
CA GLU E 17 -6.86 -5.61 19.76
C GLU E 17 -7.00 -4.14 19.47
N ASN E 18 -7.76 -3.80 18.44
CA ASN E 18 -7.94 -2.40 18.06
C ASN E 18 -8.44 -1.55 19.23
N GLY E 19 -7.81 -0.40 19.40
CA GLY E 19 -8.21 0.51 20.46
C GLY E 19 -7.52 0.31 21.81
N LYS E 20 -6.81 -0.81 21.95
CA LYS E 20 -6.13 -1.10 23.22
C LYS E 20 -4.61 -0.90 23.15
N SER E 21 -4.07 -0.20 24.14
CA SER E 21 -2.64 0.10 24.21
C SER E 21 -1.82 -1.17 24.16
N ASN E 22 -0.67 -1.11 23.48
CA ASN E 22 0.17 -2.29 23.32
C ASN E 22 1.61 -1.80 23.05
N PHE E 23 2.47 -2.72 22.61
CA PHE E 23 3.85 -2.37 22.27
C PHE E 23 4.17 -3.02 20.93
N LEU E 24 4.77 -2.25 20.03
CA LEU E 24 5.16 -2.74 18.72
C LEU E 24 6.65 -3.05 18.77
N ASN E 25 6.99 -4.32 18.58
CA ASN E 25 8.38 -4.73 18.61
C ASN E 25 8.93 -5.04 17.24
N CYS E 26 10.24 -4.92 17.13
CA CYS E 26 10.97 -5.31 15.93
C CYS E 26 12.23 -5.92 16.50
N TYR E 27 12.34 -7.23 16.34
CA TYR E 27 13.48 -7.96 16.86
C TYR E 27 14.46 -8.29 15.74
N VAL E 28 15.69 -7.82 15.86
CA VAL E 28 16.71 -8.12 14.86
C VAL E 28 17.76 -8.99 15.51
N SER E 29 18.14 -10.09 14.85
CA SER E 29 19.12 -11.02 15.41
C SER E 29 19.99 -11.68 14.35
N GLY E 30 21.01 -12.40 14.80
CA GLY E 30 21.91 -13.11 13.90
C GLY E 30 22.76 -12.24 13.00
N PHE E 31 22.89 -10.96 13.30
CA PHE E 31 23.69 -10.11 12.43
C PHE E 31 25.11 -9.82 12.93
N HIS E 32 25.94 -9.29 12.04
CA HIS E 32 27.32 -8.96 12.38
C HIS E 32 27.97 -8.27 11.18
N PRO E 33 28.69 -7.16 11.40
CA PRO E 33 28.97 -6.47 12.68
C PRO E 33 27.74 -5.86 13.35
N SER E 34 27.96 -5.21 14.49
CA SER E 34 26.86 -4.63 15.28
C SER E 34 26.23 -3.34 14.75
N ASP E 35 26.96 -2.58 13.94
CA ASP E 35 26.39 -1.34 13.40
C ASP E 35 25.14 -1.71 12.61
N ILE E 36 24.00 -1.18 13.05
CA ILE E 36 22.74 -1.46 12.37
C ILE E 36 21.77 -0.32 12.55
N GLU E 37 20.90 -0.14 11.57
CA GLU E 37 19.90 0.92 11.59
C GLU E 37 18.52 0.28 11.59
N VAL E 38 17.72 0.59 12.61
CA VAL E 38 16.38 0.01 12.73
C VAL E 38 15.34 1.08 13.05
N ASP E 39 14.28 1.13 12.26
CA ASP E 39 13.19 2.10 12.46
C ASP E 39 11.82 1.42 12.40
N LEU E 40 10.89 1.94 13.18
CA LEU E 40 9.53 1.43 13.17
C LEU E 40 8.76 2.48 12.39
N LEU E 41 7.87 2.05 11.51
CA LEU E 41 7.12 2.98 10.68
C LEU E 41 5.61 2.83 10.84
N LYS E 42 4.92 3.97 10.82
CA LYS E 42 3.46 3.99 10.93
C LYS E 42 2.96 4.60 9.63
N ASN E 43 2.28 3.80 8.82
CA ASN E 43 1.78 4.25 7.54
C ASN E 43 2.90 4.91 6.75
N GLY E 44 4.08 4.28 6.78
CA GLY E 44 5.22 4.81 6.04
C GLY E 44 6.10 5.83 6.73
N GLU E 45 5.64 6.43 7.83
CA GLU E 45 6.40 7.43 8.54
C GLU E 45 7.19 6.87 9.72
N ARG E 46 8.44 7.31 9.84
CA ARG E 46 9.33 6.87 10.91
C ARG E 46 8.80 7.30 12.28
N ILE E 47 8.60 6.33 13.17
CA ILE E 47 8.12 6.63 14.52
C ILE E 47 9.29 7.21 15.32
N GLU E 48 9.06 8.36 15.95
CA GLU E 48 10.09 9.06 16.72
C GLU E 48 10.47 8.44 18.06
N LYS E 49 9.48 8.09 18.86
CA LYS E 49 9.75 7.55 20.17
C LYS E 49 9.97 6.04 20.16
N VAL E 50 11.15 5.61 19.76
CA VAL E 50 11.45 4.17 19.71
C VAL E 50 12.69 3.88 20.54
N GLU E 51 12.60 2.87 21.41
CA GLU E 51 13.73 2.52 22.24
C GLU E 51 14.19 1.13 21.87
N HIS E 52 15.38 0.77 22.35
CA HIS E 52 15.94 -0.53 22.08
C HIS E 52 16.70 -1.09 23.27
N SER E 53 16.75 -2.42 23.32
CA SER E 53 17.45 -3.13 24.38
C SER E 53 18.94 -2.87 24.26
N ASP E 54 19.70 -3.31 25.25
CA ASP E 54 21.15 -3.12 25.24
C ASP E 54 21.76 -4.19 24.37
N LEU E 55 22.73 -3.80 23.55
CA LEU E 55 23.40 -4.74 22.67
C LEU E 55 23.91 -5.98 23.39
N SER E 56 23.53 -7.15 22.88
CA SER E 56 23.99 -8.41 23.43
C SER E 56 24.19 -9.38 22.24
N PHE E 57 24.66 -10.59 22.50
CA PHE E 57 24.88 -11.56 21.42
C PHE E 57 24.69 -13.00 21.85
N SER E 58 24.46 -13.88 20.87
CA SER E 58 24.24 -15.31 21.11
C SER E 58 25.55 -16.11 21.19
N LYS E 59 25.43 -17.42 21.37
CA LYS E 59 26.61 -18.29 21.46
C LYS E 59 27.53 -18.17 20.24
N ASP E 60 26.95 -17.97 19.07
CA ASP E 60 27.73 -17.86 17.85
C ASP E 60 28.24 -16.44 17.57
N TRP E 61 28.20 -15.59 18.60
CA TRP E 61 28.67 -14.20 18.51
C TRP E 61 27.79 -13.22 17.72
N SER E 62 26.73 -13.71 17.07
CA SER E 62 25.90 -12.79 16.31
C SER E 62 25.07 -11.95 17.30
N PHE E 63 24.87 -10.69 16.98
CA PHE E 63 24.14 -9.77 17.85
C PHE E 63 22.63 -9.83 17.73
N TYR E 64 21.95 -9.32 18.75
CA TYR E 64 20.49 -9.25 18.73
C TYR E 64 20.04 -8.03 19.53
N LEU E 65 19.03 -7.35 18.99
CA LEU E 65 18.50 -6.16 19.61
C LEU E 65 16.99 -6.13 19.50
N LEU E 66 16.34 -5.56 20.50
CA LEU E 66 14.90 -5.41 20.50
C LEU E 66 14.55 -3.92 20.46
N TYR E 67 13.95 -3.49 19.36
CA TYR E 67 13.50 -2.11 19.23
C TYR E 67 11.99 -2.18 19.46
N TYR E 68 11.47 -1.23 20.22
CA TYR E 68 10.06 -1.23 20.55
C TYR E 68 9.50 0.14 20.83
N THR E 69 8.19 0.28 20.70
CA THR E 69 7.52 1.55 20.98
C THR E 69 6.07 1.27 21.34
N GLU E 70 5.50 2.10 22.21
CA GLU E 70 4.12 1.94 22.62
C GLU E 70 3.20 2.32 21.46
N PHE E 71 2.06 1.66 21.33
CA PHE E 71 1.13 1.99 20.27
C PHE E 71 -0.23 1.37 20.50
N THR E 72 -1.22 1.89 19.79
CA THR E 72 -2.58 1.39 19.88
C THR E 72 -3.00 1.07 18.45
N PRO E 73 -3.03 -0.22 18.11
CA PRO E 73 -3.43 -0.58 16.75
C PRO E 73 -4.88 -0.30 16.45
N THR E 74 -5.16 0.01 15.19
CA THR E 74 -6.51 0.26 14.73
C THR E 74 -6.71 -0.65 13.54
N GLU E 75 -7.87 -0.56 12.91
CA GLU E 75 -8.15 -1.41 11.76
C GLU E 75 -7.36 -0.98 10.54
N LYS E 76 -7.24 0.34 10.32
CA LYS E 76 -6.55 0.83 9.14
C LYS E 76 -5.07 1.15 9.23
N ASP E 77 -4.57 1.44 10.43
CA ASP E 77 -3.15 1.78 10.55
C ASP E 77 -2.23 0.61 10.20
N GLU E 78 -1.24 0.90 9.35
CA GLU E 78 -0.25 -0.08 8.93
C GLU E 78 1.08 0.24 9.62
N TYR E 79 1.76 -0.80 10.10
CA TYR E 79 3.05 -0.60 10.75
C TYR E 79 4.06 -1.51 10.06
N ALA E 80 5.34 -1.16 10.16
CA ALA E 80 6.39 -1.96 9.54
C ALA E 80 7.73 -1.61 10.15
N CYS E 81 8.70 -2.50 9.98
CA CYS E 81 10.03 -2.26 10.49
C CYS E 81 10.98 -2.13 9.30
N ARG E 82 11.82 -1.11 9.32
CA ARG E 82 12.79 -0.91 8.25
C ARG E 82 14.17 -1.08 8.84
N VAL E 83 14.98 -1.92 8.22
CA VAL E 83 16.31 -2.19 8.72
C VAL E 83 17.37 -2.06 7.64
N ASN E 84 18.52 -1.55 8.02
CA ASN E 84 19.63 -1.46 7.09
C ASN E 84 20.85 -1.94 7.81
N HIS E 85 21.73 -2.58 7.06
CA HIS E 85 22.93 -3.18 7.61
C HIS E 85 23.87 -3.36 6.42
N VAL E 86 25.17 -3.44 6.69
CA VAL E 86 26.15 -3.60 5.63
C VAL E 86 25.84 -4.78 4.70
N THR E 87 25.15 -5.80 5.19
CA THR E 87 24.81 -6.98 4.36
C THR E 87 23.56 -6.79 3.49
N LEU E 88 22.96 -5.60 3.55
CA LEU E 88 21.77 -5.31 2.78
C LEU E 88 22.05 -4.22 1.76
N SER E 89 21.81 -4.51 0.48
CA SER E 89 22.05 -3.52 -0.56
C SER E 89 20.99 -2.43 -0.51
N GLN E 90 19.78 -2.82 -0.10
CA GLN E 90 18.67 -1.89 0.01
C GLN E 90 18.06 -2.01 1.41
N PRO E 91 17.59 -0.90 1.98
CA PRO E 91 17.01 -1.10 3.31
C PRO E 91 15.85 -2.09 3.21
N LYS E 92 15.83 -3.08 4.09
CA LYS E 92 14.79 -4.10 4.08
C LYS E 92 13.61 -3.69 4.95
N ILE E 93 12.40 -3.83 4.41
CA ILE E 93 11.19 -3.46 5.13
C ILE E 93 10.26 -4.65 5.33
N VAL E 94 9.89 -4.89 6.59
CA VAL E 94 8.99 -5.98 6.92
C VAL E 94 7.71 -5.39 7.52
N LYS E 95 6.59 -5.72 6.92
CA LYS E 95 5.30 -5.21 7.36
C LYS E 95 4.83 -6.00 8.57
N TRP E 96 4.04 -5.33 9.41
CA TRP E 96 3.50 -5.98 10.59
C TRP E 96 2.22 -6.71 10.24
N ASP E 97 2.17 -7.99 10.59
CA ASP E 97 1.01 -8.83 10.35
C ASP E 97 0.58 -9.29 11.74
N ARG E 98 -0.60 -8.88 12.19
CA ARG E 98 -1.02 -9.27 13.53
C ARG E 98 -1.15 -10.78 13.72
N ASP E 99 -0.96 -11.54 12.64
CA ASP E 99 -1.06 -13.00 12.71
C ASP E 99 0.33 -13.67 12.78
N MET E 100 1.38 -12.87 12.95
CA MET E 100 2.74 -13.39 13.01
C MET E 100 3.61 -12.65 14.03
N ILE F 1 28.23 -10.45 40.22
CA ILE F 1 29.19 -9.34 39.95
C ILE F 1 30.29 -9.72 38.97
N LEU F 2 30.93 -8.69 38.43
CA LEU F 2 32.01 -8.83 37.47
C LEU F 2 33.29 -9.43 38.02
N SER F 3 34.11 -9.97 37.12
CA SER F 3 35.40 -10.52 37.51
C SER F 3 36.21 -9.27 37.89
N ALA F 4 37.10 -9.42 38.87
CA ALA F 4 37.90 -8.31 39.36
C ALA F 4 39.10 -7.98 38.50
N LEU F 5 39.67 -8.99 37.85
CA LEU F 5 40.84 -8.77 37.02
C LEU F 5 40.63 -9.19 35.56
N VAL F 6 41.05 -8.32 34.65
CA VAL F 6 40.92 -8.54 33.21
C VAL F 6 42.21 -8.15 32.49
N GLY F 7 43.05 -9.13 32.18
CA GLY F 7 44.31 -8.85 31.50
C GLY F 7 44.18 -8.71 30.00
N ILE F 8 45.06 -7.91 29.39
CA ILE F 8 45.03 -7.68 27.94
C ILE F 8 45.53 -8.85 27.09
N VAL F 9 44.98 -8.98 25.89
CA VAL F 9 45.39 -10.04 24.95
C VAL F 9 46.80 -9.72 24.43
#